data_4MOU
#
_entry.id   4MOU
#
_cell.length_a   160.455
_cell.length_b   160.455
_cell.length_c   178.691
_cell.angle_alpha   90.00
_cell.angle_beta   90.00
_cell.angle_gamma   90.00
#
_symmetry.space_group_name_H-M   'I 41 2 2'
#
loop_
_entity.id
_entity.type
_entity.pdbx_description
1 polymer 'Enoyl-CoA hydratase/isomerase family protein'
2 non-polymer 'CACODYLATE ION'
3 water water
#
_entity_poly.entity_id   1
_entity_poly.type   'polypeptide(L)'
_entity_poly.pdbx_seq_one_letter_code
;(MSE)HHHHHHSSGVDLGTENLYFQS(MSE)STVSEVARPRTGRISVAIADGVASVEISNLAQRNALTKD(MSE)CLEIQ
EL(MSE)PQLDADPDVAVVVLRGAGDTFCAGASISELASVLLDPQPDGSTADHLSRADSAIAALSKPAVALVDGAC
(MSE)GGGWQIASACDFIIANERAVIGLTPAKIGIIYPRPGLERLVRLVGHANAKYILLTGQTFSAPEARALGLVADVVP
SESFEEKCAALVRSLRSRSRFS(MSE)HS(MSE)KRLVDLTDSVPAAGIDQEWAAAWSA(MSE)PDSPD(MSE)GIGISA
FLNREQPRF(MSE)WRPA
;
_entity_poly.pdbx_strand_id   A,B,C
#
loop_
_chem_comp.id
_chem_comp.type
_chem_comp.name
_chem_comp.formula
CAC non-polymer 'CACODYLATE ION' 'C2 H6 As O2 -1'
#
# COMPACT_ATOMS: atom_id res chain seq x y z
N ALA A 30 -46.19 -0.87 16.25
CA ALA A 30 -45.73 -0.30 14.94
C ALA A 30 -44.59 -1.14 14.34
N ARG A 31 -44.78 -1.54 13.10
CA ARG A 31 -43.84 -2.34 12.35
C ARG A 31 -42.82 -1.37 11.70
N PRO A 32 -41.56 -1.82 11.48
CA PRO A 32 -40.62 -0.90 10.82
C PRO A 32 -40.84 -0.88 9.33
N ARG A 33 -40.50 0.24 8.71
CA ARG A 33 -40.49 0.35 7.27
C ARG A 33 -39.42 -0.61 6.71
N THR A 34 -39.75 -1.36 5.66
CA THR A 34 -38.83 -2.34 5.15
C THR A 34 -37.58 -1.80 4.50
N GLY A 35 -36.47 -2.46 4.78
CA GLY A 35 -35.20 -2.11 4.24
C GLY A 35 -35.18 -2.46 2.76
N ARG A 36 -34.56 -1.63 1.96
CA ARG A 36 -34.55 -1.81 0.55
C ARG A 36 -33.33 -1.18 -0.12
N ILE A 37 -33.07 -1.58 -1.35
CA ILE A 37 -32.07 -0.98 -2.21
C ILE A 37 -32.83 -0.37 -3.36
N SER A 38 -32.62 0.92 -3.57
CA SER A 38 -33.34 1.59 -4.60
C SER A 38 -32.35 2.16 -5.57
N VAL A 39 -32.82 2.53 -6.74
CA VAL A 39 -31.98 3.18 -7.73
C VAL A 39 -32.72 4.28 -8.42
N ALA A 40 -31.99 5.33 -8.69
CA ALA A 40 -32.50 6.48 -9.42
C ALA A 40 -31.51 6.73 -10.55
N ILE A 41 -32.03 6.97 -11.74
CA ILE A 41 -31.22 7.15 -12.89
C ILE A 41 -31.49 8.47 -13.52
N ALA A 42 -30.44 9.27 -13.69
CA ALA A 42 -30.51 10.55 -14.36
C ALA A 42 -29.13 10.95 -14.97
N ASP A 43 -29.11 11.44 -16.20
CA ASP A 43 -27.88 11.93 -16.87
C ASP A 43 -26.74 10.88 -16.87
N GLY A 44 -27.10 9.60 -17.05
CA GLY A 44 -26.17 8.55 -17.08
C GLY A 44 -25.62 8.13 -15.75
N VAL A 45 -26.14 8.66 -14.64
CA VAL A 45 -25.71 8.22 -13.33
C VAL A 45 -26.80 7.39 -12.66
N ALA A 46 -26.47 6.18 -12.21
CA ALA A 46 -27.37 5.40 -11.41
C ALA A 46 -26.99 5.59 -9.95
N SER A 47 -27.82 6.30 -9.19
CA SER A 47 -27.60 6.41 -7.78
C SER A 47 -28.28 5.28 -7.06
N VAL A 48 -27.49 4.41 -6.49
CA VAL A 48 -27.97 3.31 -5.75
C VAL A 48 -27.92 3.70 -4.27
N GLU A 49 -29.05 3.52 -3.60
CA GLU A 49 -29.21 3.91 -2.21
C GLU A 49 -29.52 2.74 -1.29
N ILE A 50 -28.72 2.61 -0.25
CA ILE A 50 -28.95 1.61 0.78
C ILE A 50 -29.90 2.27 1.77
N SER A 51 -31.13 1.82 1.80
CA SER A 51 -32.14 2.47 2.60
C SER A 51 -32.77 1.56 3.64
N ASN A 52 -32.29 1.65 4.86
CA ASN A 52 -32.86 0.95 6.00
C ASN A 52 -32.51 1.72 7.26
N LEU A 53 -33.01 2.94 7.34
CA LEU A 53 -32.64 3.89 8.39
C LEU A 53 -32.96 3.46 9.81
N ALA A 54 -34.03 2.71 9.99
CA ALA A 54 -34.36 2.19 11.31
C ALA A 54 -33.27 1.31 11.86
N GLN A 55 -32.45 0.67 11.02
CA GLN A 55 -31.31 -0.11 11.48
C GLN A 55 -29.99 0.51 11.03
N ARG A 56 -29.99 1.81 10.86
CA ARG A 56 -28.78 2.54 10.41
C ARG A 56 -28.24 1.99 9.09
N ASN A 57 -29.16 1.66 8.19
CA ASN A 57 -28.89 1.16 6.87
C ASN A 57 -28.17 -0.18 6.85
N ALA A 58 -28.41 -1.00 7.86
CA ALA A 58 -27.94 -2.36 7.89
C ALA A 58 -28.54 -3.12 6.72
N LEU A 59 -27.81 -4.13 6.26
CA LEU A 59 -28.24 -4.95 5.15
C LEU A 59 -28.96 -6.18 5.65
N THR A 60 -30.19 -6.35 5.19
CA THR A 60 -30.91 -7.61 5.37
C THR A 60 -30.56 -8.57 4.22
N LYS A 61 -31.01 -9.80 4.35
CA LYS A 61 -30.85 -10.74 3.27
C LYS A 61 -31.53 -10.26 2.01
N ASP A 62 -32.77 -9.77 2.11
CA ASP A 62 -33.45 -9.28 0.91
C ASP A 62 -32.69 -8.13 0.21
N MSE A 63 -32.15 -7.23 1.00
CA MSE A 63 -31.35 -6.15 0.46
C MSE A 63 -30.17 -6.70 -0.26
O MSE A 63 -29.81 -6.21 -1.33
CB MSE A 63 -30.88 -5.18 1.56
CG MSE A 63 -32.03 -4.30 1.92
SE MSE A 63 -31.70 -3.50 3.72
CE MSE A 63 -30.67 -1.93 3.10
N CYS A 64 -29.50 -7.71 0.30
CA CYS A 64 -28.36 -8.32 -0.43
C CYS A 64 -28.78 -8.95 -1.75
N LEU A 65 -29.95 -9.59 -1.78
CA LEU A 65 -30.46 -10.19 -3.01
C LEU A 65 -30.79 -9.15 -4.07
N GLU A 66 -31.33 -8.02 -3.63
CA GLU A 66 -31.61 -6.91 -4.52
C GLU A 66 -30.34 -6.29 -5.15
N ILE A 67 -29.24 -6.18 -4.41
CA ILE A 67 -28.03 -5.73 -4.99
C ILE A 67 -27.56 -6.74 -6.02
N GLN A 68 -27.65 -7.98 -5.66
CA GLN A 68 -27.22 -9.04 -6.51
C GLN A 68 -27.95 -9.08 -7.86
N GLU A 69 -29.26 -8.83 -7.84
CA GLU A 69 -30.03 -8.74 -9.06
C GLU A 69 -29.88 -7.42 -9.79
N LEU A 70 -29.69 -6.34 -9.07
CA LEU A 70 -29.67 -5.06 -9.71
C LEU A 70 -28.36 -4.82 -10.55
N MSE A 71 -27.20 -5.22 -10.03
CA MSE A 71 -25.94 -4.79 -10.62
C MSE A 71 -25.84 -5.25 -12.07
O MSE A 71 -25.52 -4.48 -12.93
CB MSE A 71 -24.71 -5.25 -9.84
CG MSE A 71 -24.66 -4.69 -8.43
SE MSE A 71 -24.71 -2.67 -8.36
CE MSE A 71 -26.47 -2.40 -7.51
N PRO A 72 -26.09 -6.51 -12.35
CA PRO A 72 -26.13 -6.81 -13.76
C PRO A 72 -27.11 -5.99 -14.61
N GLN A 73 -28.27 -5.60 -14.08
CA GLN A 73 -29.18 -4.83 -14.90
C GLN A 73 -28.59 -3.48 -15.20
N LEU A 74 -27.92 -2.91 -14.23
CA LEU A 74 -27.29 -1.65 -14.43
C LEU A 74 -26.17 -1.73 -15.43
N ASP A 75 -25.43 -2.84 -15.38
CA ASP A 75 -24.36 -3.07 -16.35
C ASP A 75 -24.85 -3.20 -17.75
N ALA A 76 -26.04 -3.75 -17.94
CA ALA A 76 -26.59 -3.91 -19.29
C ALA A 76 -27.42 -2.68 -19.72
N ASP A 77 -27.75 -1.75 -18.83
CA ASP A 77 -28.60 -0.61 -19.20
C ASP A 77 -27.80 0.49 -19.95
N PRO A 78 -28.10 0.75 -21.26
CA PRO A 78 -27.34 1.77 -22.00
C PRO A 78 -27.55 3.20 -21.47
N ASP A 79 -28.56 3.42 -20.64
CA ASP A 79 -28.73 4.75 -20.02
C ASP A 79 -27.88 4.98 -18.77
N VAL A 80 -27.08 3.99 -18.38
CA VAL A 80 -26.26 4.09 -17.22
C VAL A 80 -24.80 4.08 -17.64
N ALA A 81 -24.06 5.10 -17.24
CA ALA A 81 -22.62 5.19 -17.47
C ALA A 81 -21.82 5.06 -16.18
N VAL A 82 -22.34 5.56 -15.06
CA VAL A 82 -21.65 5.57 -13.78
C VAL A 82 -22.63 5.11 -12.70
N VAL A 83 -22.14 4.38 -11.70
CA VAL A 83 -22.90 3.92 -10.58
C VAL A 83 -22.33 4.56 -9.31
N VAL A 84 -23.19 5.11 -8.48
CA VAL A 84 -22.84 5.75 -7.24
C VAL A 84 -23.56 5.03 -6.13
N LEU A 85 -22.88 4.57 -5.10
CA LEU A 85 -23.48 3.84 -4.05
C LEU A 85 -23.42 4.69 -2.80
N ARG A 86 -24.56 4.85 -2.15
CA ARG A 86 -24.66 5.79 -1.03
C ARG A 86 -25.75 5.36 -0.06
N GLY A 87 -25.58 5.69 1.22
CA GLY A 87 -26.64 5.37 2.17
C GLY A 87 -27.74 6.42 2.20
N ALA A 88 -28.97 5.99 2.52
CA ALA A 88 -30.05 6.95 2.77
C ALA A 88 -29.67 7.78 4.00
N GLY A 89 -30.02 9.05 3.96
CA GLY A 89 -29.81 9.95 5.06
C GLY A 89 -28.35 10.18 5.19
N ASP A 90 -27.88 10.22 6.44
CA ASP A 90 -26.54 10.64 6.68
C ASP A 90 -25.64 9.53 7.23
N THR A 91 -25.90 8.30 6.78
CA THR A 91 -25.14 7.18 7.19
C THR A 91 -25.05 6.19 6.03
N PHE A 92 -23.97 5.45 5.96
CA PHE A 92 -23.75 4.58 4.85
C PHE A 92 -24.36 3.20 5.06
N CYS A 93 -23.81 2.44 5.99
CA CYS A 93 -24.25 1.08 6.20
C CYS A 93 -23.67 0.49 7.49
N ALA A 94 -24.52 -0.10 8.30
CA ALA A 94 -24.07 -0.65 9.57
C ALA A 94 -23.69 -2.10 9.46
N GLY A 95 -23.69 -2.67 8.25
CA GLY A 95 -23.19 -4.03 8.06
C GLY A 95 -24.35 -4.97 7.93
N ALA A 96 -24.09 -6.26 7.95
CA ALA A 96 -25.17 -7.23 7.97
C ALA A 96 -25.98 -7.02 9.20
N SER A 97 -27.29 -7.05 9.05
CA SER A 97 -28.16 -6.87 10.17
C SER A 97 -27.91 -7.98 11.19
N ILE A 98 -27.57 -7.60 12.44
CA ILE A 98 -27.16 -8.58 13.47
C ILE A 98 -28.34 -9.41 13.84
N SER A 99 -29.53 -8.84 13.81
CA SER A 99 -30.71 -9.63 14.13
C SER A 99 -31.06 -10.63 13.04
N GLU A 100 -30.44 -10.60 11.88
CA GLU A 100 -30.65 -11.69 10.95
C GLU A 100 -29.32 -12.16 10.37
N LEU A 101 -28.29 -12.17 11.22
CA LEU A 101 -26.94 -12.39 10.74
C LEU A 101 -26.76 -13.72 10.00
N ALA A 102 -27.37 -14.79 10.49
CA ALA A 102 -27.16 -16.11 9.89
C ALA A 102 -27.82 -16.20 8.53
N SER A 103 -28.95 -15.51 8.38
CA SER A 103 -29.61 -15.49 7.08
C SER A 103 -28.87 -14.65 6.04
N VAL A 104 -27.99 -13.76 6.45
CA VAL A 104 -27.17 -13.06 5.50
C VAL A 104 -25.88 -13.80 5.21
N LEU A 105 -25.22 -14.33 6.22
CA LEU A 105 -23.89 -14.94 6.03
C LEU A 105 -23.88 -16.48 5.85
N LEU A 106 -24.84 -17.15 6.45
CA LEU A 106 -24.90 -18.60 6.56
C LEU A 106 -26.30 -19.04 6.16
N ASP A 107 -26.79 -18.62 5.00
CA ASP A 107 -28.14 -18.95 4.63
C ASP A 107 -28.24 -20.37 4.13
N PRO A 108 -29.04 -21.23 4.82
CA PRO A 108 -29.07 -22.61 4.39
C PRO A 108 -29.73 -22.86 3.07
N GLN A 109 -29.16 -23.78 2.34
CA GLN A 109 -29.54 -24.03 0.94
C GLN A 109 -30.04 -25.47 0.85
N PRO A 110 -30.89 -25.75 -0.14
CA PRO A 110 -31.45 -27.11 -0.24
C PRO A 110 -30.43 -28.20 -0.36
N ASP A 111 -29.29 -27.96 -0.95
CA ASP A 111 -28.28 -29.02 -1.03
C ASP A 111 -27.49 -29.20 0.26
N GLY A 112 -27.86 -28.51 1.33
CA GLY A 112 -27.14 -28.64 2.59
C GLY A 112 -25.96 -27.69 2.77
N SER A 113 -25.59 -26.93 1.74
CA SER A 113 -24.55 -25.92 1.89
C SER A 113 -25.18 -24.62 2.45
N THR A 114 -24.35 -23.62 2.67
CA THR A 114 -24.85 -22.29 3.01
C THR A 114 -24.34 -21.25 2.06
N ALA A 115 -25.09 -20.16 1.97
CA ALA A 115 -24.73 -19.06 1.13
C ALA A 115 -24.45 -17.79 1.92
N ASP A 116 -23.44 -17.07 1.47
CA ASP A 116 -23.12 -15.79 2.04
C ASP A 116 -23.64 -14.73 1.10
N HIS A 117 -24.84 -14.18 1.40
CA HIS A 117 -25.41 -13.21 0.48
C HIS A 117 -24.69 -11.89 0.43
N LEU A 118 -24.04 -11.53 1.51
CA LEU A 118 -23.33 -10.30 1.55
C LEU A 118 -22.17 -10.36 0.56
N SER A 119 -21.44 -11.46 0.56
CA SER A 119 -20.37 -11.68 -0.44
C SER A 119 -20.89 -11.79 -1.84
N ARG A 120 -22.04 -12.40 -2.07
CA ARG A 120 -22.53 -12.43 -3.41
C ARG A 120 -22.92 -11.02 -3.85
N ALA A 121 -23.38 -10.19 -2.93
CA ALA A 121 -23.72 -8.81 -3.32
C ALA A 121 -22.45 -8.05 -3.68
N ASP A 122 -21.46 -8.19 -2.83
CA ASP A 122 -20.11 -7.68 -3.08
C ASP A 122 -19.64 -8.05 -4.47
N SER A 123 -19.65 -9.35 -4.78
CA SER A 123 -19.20 -9.78 -6.13
C SER A 123 -20.01 -9.17 -7.28
N ALA A 124 -21.31 -9.05 -7.12
CA ALA A 124 -22.10 -8.43 -8.14
C ALA A 124 -21.65 -7.00 -8.39
N ILE A 125 -21.36 -6.27 -7.32
CA ILE A 125 -20.87 -4.89 -7.48
C ILE A 125 -19.50 -4.87 -8.11
N ALA A 126 -18.62 -5.74 -7.67
CA ALA A 126 -17.24 -5.79 -8.21
C ALA A 126 -17.22 -6.27 -9.65
N ALA A 127 -18.25 -6.95 -10.12
CA ALA A 127 -18.22 -7.39 -11.51
C ALA A 127 -18.71 -6.33 -12.45
N LEU A 128 -19.16 -5.18 -11.94
CA LEU A 128 -19.64 -4.13 -12.84
C LEU A 128 -18.52 -3.73 -13.75
N SER A 129 -18.78 -3.62 -15.06
CA SER A 129 -17.73 -3.14 -15.95
C SER A 129 -17.72 -1.59 -15.94
N LYS A 130 -18.80 -0.97 -15.51
CA LYS A 130 -18.88 0.49 -15.42
C LYS A 130 -18.25 1.05 -14.14
N PRO A 131 -17.78 2.34 -14.14
CA PRO A 131 -17.22 2.92 -12.92
C PRO A 131 -18.23 2.98 -11.80
N ALA A 132 -17.79 2.66 -10.59
CA ALA A 132 -18.71 2.69 -9.41
C ALA A 132 -17.95 3.32 -8.27
N VAL A 133 -18.57 4.31 -7.65
CA VAL A 133 -18.00 4.99 -6.48
C VAL A 133 -18.91 4.94 -5.24
N ALA A 134 -18.32 4.63 -4.07
CA ALA A 134 -19.07 4.65 -2.83
C ALA A 134 -18.83 5.99 -2.12
N LEU A 135 -19.91 6.67 -1.79
CA LEU A 135 -19.87 7.93 -1.06
C LEU A 135 -20.31 7.63 0.36
N VAL A 136 -19.37 7.67 1.31
CA VAL A 136 -19.58 7.22 2.66
C VAL A 136 -19.70 8.39 3.63
N ASP A 137 -20.86 8.48 4.27
CA ASP A 137 -21.06 9.44 5.32
C ASP A 137 -21.49 8.66 6.55
N GLY A 138 -21.37 9.26 7.72
CA GLY A 138 -21.82 8.59 8.95
C GLY A 138 -21.02 7.35 9.18
N ALA A 139 -21.69 6.28 9.55
CA ALA A 139 -21.04 5.07 9.92
C ALA A 139 -21.01 4.10 8.76
N CYS A 140 -19.86 3.46 8.60
CA CYS A 140 -19.69 2.35 7.70
C CYS A 140 -19.07 1.22 8.54
N MSE A 141 -19.88 0.26 8.99
CA MSE A 141 -19.47 -0.74 9.99
C MSE A 141 -19.60 -2.14 9.45
O MSE A 141 -20.38 -2.40 8.55
CB MSE A 141 -20.33 -0.70 11.25
CG MSE A 141 -20.54 0.72 11.86
SE MSE A 141 -18.77 1.53 12.37
CE MSE A 141 -18.57 0.47 14.05
N GLY A 142 -18.79 -3.04 10.03
CA GLY A 142 -18.72 -4.45 9.64
C GLY A 142 -18.68 -4.63 8.14
N GLY A 143 -19.70 -5.28 7.62
CA GLY A 143 -19.75 -5.56 6.18
C GLY A 143 -20.10 -4.38 5.30
N GLY A 144 -20.40 -3.23 5.91
CA GLY A 144 -20.50 -2.03 5.15
C GLY A 144 -19.21 -1.72 4.37
N TRP A 145 -18.04 -1.92 4.97
CA TRP A 145 -16.82 -1.62 4.25
C TRP A 145 -16.68 -2.58 3.08
N GLN A 146 -17.13 -3.79 3.25
CA GLN A 146 -16.99 -4.76 2.23
C GLN A 146 -17.79 -4.35 0.99
N ILE A 147 -19.01 -3.88 1.20
CA ILE A 147 -19.85 -3.44 0.12
C ILE A 147 -19.26 -2.19 -0.52
N ALA A 148 -18.88 -1.24 0.30
CA ALA A 148 -18.24 -0.01 -0.20
C ALA A 148 -17.00 -0.30 -1.00
N SER A 149 -16.17 -1.22 -0.52
CA SER A 149 -14.85 -1.50 -1.16
C SER A 149 -15.02 -2.34 -2.39
N ALA A 150 -16.23 -2.82 -2.66
CA ALA A 150 -16.46 -3.51 -3.93
C ALA A 150 -16.62 -2.55 -5.07
N CYS A 151 -16.93 -1.30 -4.75
CA CYS A 151 -16.87 -0.26 -5.72
C CYS A 151 -15.41 0.00 -6.09
N ASP A 152 -15.23 0.86 -7.09
CA ASP A 152 -13.89 1.15 -7.46
C ASP A 152 -13.11 1.87 -6.40
N PHE A 153 -13.73 2.83 -5.74
CA PHE A 153 -13.05 3.51 -4.66
C PHE A 153 -14.10 4.21 -3.75
N ILE A 154 -13.65 4.72 -2.60
CA ILE A 154 -14.50 5.30 -1.63
C ILE A 154 -14.06 6.71 -1.33
N ILE A 155 -15.04 7.61 -1.37
CA ILE A 155 -14.88 8.98 -0.93
C ILE A 155 -15.70 9.12 0.34
N ALA A 156 -15.03 9.57 1.40
CA ALA A 156 -15.70 9.70 2.70
C ALA A 156 -15.83 11.14 3.14
N ASN A 157 -16.94 11.42 3.81
CA ASN A 157 -17.11 12.66 4.53
C ASN A 157 -16.18 12.61 5.74
N GLU A 158 -15.56 13.71 6.02
CA GLU A 158 -14.70 13.83 7.17
C GLU A 158 -15.29 13.37 8.50
N ARG A 159 -16.57 13.54 8.69
CA ARG A 159 -17.17 13.09 9.93
C ARG A 159 -17.53 11.61 9.92
N ALA A 160 -17.34 10.91 8.80
CA ALA A 160 -17.66 9.47 8.76
C ALA A 160 -16.76 8.65 9.68
N VAL A 161 -17.24 7.50 10.10
CA VAL A 161 -16.44 6.57 10.89
C VAL A 161 -16.52 5.17 10.24
N ILE A 162 -15.39 4.46 10.32
CA ILE A 162 -15.26 3.16 9.71
C ILE A 162 -14.66 2.20 10.67
N GLY A 163 -15.37 1.12 10.90
CA GLY A 163 -14.83 0.00 11.67
C GLY A 163 -15.17 -1.35 11.09
N LEU A 164 -14.22 -2.26 11.08
CA LEU A 164 -14.48 -3.62 10.67
C LEU A 164 -14.51 -4.48 11.96
N THR A 165 -15.70 -4.93 12.34
CA THR A 165 -15.94 -5.45 13.69
C THR A 165 -16.21 -6.96 13.86
N PRO A 166 -15.75 -7.82 12.94
CA PRO A 166 -16.07 -9.25 13.17
C PRO A 166 -15.59 -9.76 14.55
N ALA A 167 -14.49 -9.24 15.05
CA ALA A 167 -13.93 -9.72 16.28
C ALA A 167 -14.74 -9.27 17.50
N LYS A 168 -15.58 -8.26 17.37
CA LYS A 168 -16.52 -7.91 18.42
C LYS A 168 -17.72 -8.79 18.48
N ILE A 169 -17.93 -9.60 17.46
CA ILE A 169 -19.12 -10.41 17.32
C ILE A 169 -18.80 -11.91 17.35
N GLY A 170 -17.54 -12.30 17.24
CA GLY A 170 -17.18 -13.72 17.24
C GLY A 170 -17.28 -14.39 15.89
N ILE A 171 -17.27 -13.60 14.82
CA ILE A 171 -17.26 -14.16 13.44
C ILE A 171 -15.96 -13.87 12.73
N ILE A 172 -15.94 -14.13 11.42
CA ILE A 172 -14.78 -13.95 10.60
C ILE A 172 -15.21 -13.06 9.44
N TYR A 173 -14.36 -12.14 9.03
CA TYR A 173 -14.68 -11.33 7.88
C TYR A 173 -14.70 -12.26 6.67
N PRO A 174 -15.73 -12.21 5.86
CA PRO A 174 -15.78 -13.08 4.68
C PRO A 174 -14.56 -12.96 3.78
N ARG A 175 -14.21 -14.05 3.13
CA ARG A 175 -13.03 -14.11 2.38
C ARG A 175 -12.78 -13.01 1.32
N PRO A 176 -13.78 -12.72 0.49
CA PRO A 176 -13.49 -11.67 -0.50
C PRO A 176 -13.17 -10.34 0.16
N GLY A 177 -13.81 -10.03 1.30
CA GLY A 177 -13.53 -8.82 2.01
C GLY A 177 -12.16 -8.86 2.67
N LEU A 178 -11.81 -10.00 3.23
CA LEU A 178 -10.59 -10.09 3.95
C LEU A 178 -9.44 -9.95 3.01
N GLU A 179 -9.54 -10.61 1.86
CA GLU A 179 -8.47 -10.56 0.91
C GLU A 179 -8.34 -9.19 0.30
N ARG A 180 -9.44 -8.57 -0.04
CA ARG A 180 -9.42 -7.23 -0.54
C ARG A 180 -8.78 -6.28 0.47
N LEU A 181 -9.08 -6.44 1.75
CA LEU A 181 -8.50 -5.60 2.78
C LEU A 181 -7.01 -5.78 2.84
N VAL A 182 -6.58 -7.02 2.84
CA VAL A 182 -5.19 -7.29 2.91
C VAL A 182 -4.47 -6.63 1.74
N ARG A 183 -5.04 -6.72 0.55
CA ARG A 183 -4.41 -6.14 -0.61
C ARG A 183 -4.44 -4.64 -0.61
N LEU A 184 -5.49 -4.01 -0.12
CA LEU A 184 -5.55 -2.57 -0.08
C LEU A 184 -4.70 -1.94 1.00
N VAL A 185 -4.64 -2.52 2.19
CA VAL A 185 -3.93 -1.86 3.26
C VAL A 185 -2.64 -2.53 3.73
N GLY A 186 -2.32 -3.72 3.22
CA GLY A 186 -1.17 -4.49 3.68
C GLY A 186 -1.49 -5.33 4.90
N HIS A 187 -0.67 -6.32 5.15
CA HIS A 187 -0.93 -7.32 6.20
C HIS A 187 -0.97 -6.71 7.62
N ALA A 188 -0.10 -5.75 7.92
CA ALA A 188 -0.01 -5.28 9.26
C ALA A 188 -1.22 -4.42 9.58
N ASN A 189 -1.59 -3.50 8.67
CA ASN A 189 -2.73 -2.63 8.89
C ASN A 189 -4.03 -3.44 8.90
N ALA A 190 -4.11 -4.47 8.08
CA ALA A 190 -5.27 -5.35 8.12
C ALA A 190 -5.41 -6.03 9.46
N LYS A 191 -4.34 -6.50 10.09
CA LYS A 191 -4.44 -7.09 11.41
C LYS A 191 -4.73 -6.08 12.48
N TYR A 192 -4.21 -4.88 12.36
CA TYR A 192 -4.58 -3.82 13.30
C TYR A 192 -6.07 -3.55 13.21
N ILE A 193 -6.57 -3.39 12.01
CA ILE A 193 -7.98 -3.16 11.83
C ILE A 193 -8.87 -4.32 12.31
N LEU A 194 -8.57 -5.55 11.92
CA LEU A 194 -9.42 -6.66 12.23
C LEU A 194 -9.29 -7.18 13.63
N LEU A 195 -8.08 -7.25 14.16
CA LEU A 195 -7.91 -7.78 15.50
C LEU A 195 -8.42 -6.83 16.56
N THR A 196 -8.28 -5.52 16.39
CA THR A 196 -8.86 -4.61 17.41
C THR A 196 -10.34 -4.36 17.15
N GLY A 197 -10.79 -4.40 15.91
CA GLY A 197 -12.22 -4.02 15.63
C GLY A 197 -12.52 -2.58 16.03
N GLN A 198 -11.50 -1.77 16.10
CA GLN A 198 -11.67 -0.39 16.43
C GLN A 198 -12.43 0.41 15.37
N THR A 199 -13.05 1.49 15.82
CA THR A 199 -13.72 2.42 14.95
C THR A 199 -12.76 3.57 14.64
N PHE A 200 -12.56 3.87 13.37
CA PHE A 200 -11.61 4.88 12.99
C PHE A 200 -12.36 6.05 12.41
N SER A 201 -11.84 7.25 12.62
CA SER A 201 -12.33 8.41 11.94
C SER A 201 -11.95 8.31 10.44
N ALA A 202 -12.57 9.14 9.64
CA ALA A 202 -12.33 9.09 8.22
C ALA A 202 -10.89 9.43 7.94
N PRO A 203 -10.34 10.47 8.58
CA PRO A 203 -8.92 10.75 8.25
C PRO A 203 -8.00 9.58 8.67
N GLU A 204 -8.28 8.88 9.76
CA GLU A 204 -7.51 7.68 10.10
C GLU A 204 -7.69 6.57 9.08
N ALA A 205 -8.93 6.37 8.67
CA ALA A 205 -9.21 5.34 7.71
C ALA A 205 -8.45 5.60 6.41
N ARG A 206 -8.38 6.85 6.05
CA ARG A 206 -7.62 7.22 4.92
C ARG A 206 -6.13 6.95 5.10
N ALA A 207 -5.56 7.32 6.23
CA ALA A 207 -4.14 7.07 6.51
C ALA A 207 -3.84 5.57 6.42
N LEU A 208 -4.78 4.69 6.82
CA LEU A 208 -4.60 3.27 6.72
C LEU A 208 -4.82 2.70 5.34
N GLY A 209 -5.42 3.46 4.42
CA GLY A 209 -5.72 2.96 3.11
C GLY A 209 -7.15 2.45 2.89
N LEU A 210 -8.03 2.56 3.87
CA LEU A 210 -9.38 2.07 3.73
C LEU A 210 -10.30 2.91 2.83
N VAL A 211 -10.00 4.17 2.65
CA VAL A 211 -10.73 4.99 1.71
C VAL A 211 -9.76 5.81 0.93
N ALA A 212 -10.17 6.27 -0.24
CA ALA A 212 -9.30 6.94 -1.16
C ALA A 212 -9.19 8.42 -0.92
N ASP A 213 -10.25 9.05 -0.44
CA ASP A 213 -10.20 10.44 -0.10
C ASP A 213 -11.23 10.78 0.95
N VAL A 214 -10.98 11.90 1.59
CA VAL A 214 -11.77 12.44 2.64
C VAL A 214 -12.09 13.89 2.32
N VAL A 215 -13.33 14.31 2.46
CA VAL A 215 -13.73 15.64 2.13
C VAL A 215 -14.38 16.28 3.35
N PRO A 216 -14.05 17.53 3.67
CA PRO A 216 -14.72 18.21 4.79
C PRO A 216 -16.21 18.21 4.60
N SER A 217 -16.88 18.16 5.71
CA SER A 217 -18.30 18.02 5.73
C SER A 217 -19.05 19.18 5.03
N GLU A 218 -18.58 20.40 5.21
CA GLU A 218 -19.25 21.56 4.62
C GLU A 218 -19.21 21.52 3.09
N SER A 219 -18.24 20.84 2.50
CA SER A 219 -18.17 20.79 1.04
C SER A 219 -18.32 19.38 0.46
N PHE A 220 -18.77 18.41 1.26
CA PHE A 220 -18.91 17.05 0.79
C PHE A 220 -19.85 16.94 -0.40
N GLU A 221 -21.01 17.59 -0.36
CA GLU A 221 -22.01 17.39 -1.41
C GLU A 221 -21.56 17.98 -2.65
N GLU A 222 -21.06 19.19 -2.57
CA GLU A 222 -20.52 19.84 -3.78
C GLU A 222 -19.38 19.04 -4.39
N LYS A 223 -18.47 18.55 -3.58
CA LYS A 223 -17.33 17.83 -4.15
C LYS A 223 -17.69 16.44 -4.68
N CYS A 224 -18.64 15.76 -4.06
CA CYS A 224 -19.08 14.51 -4.63
C CYS A 224 -19.77 14.79 -5.97
N ALA A 225 -20.58 15.84 -6.08
CA ALA A 225 -21.29 16.10 -7.33
C ALA A 225 -20.29 16.42 -8.43
N ALA A 226 -19.25 17.16 -8.11
CA ALA A 226 -18.22 17.51 -9.08
C ALA A 226 -17.45 16.24 -9.44
N LEU A 227 -17.20 15.37 -8.48
CA LEU A 227 -16.53 14.15 -8.81
C LEU A 227 -17.31 13.31 -9.85
N VAL A 228 -18.60 13.18 -9.59
CA VAL A 228 -19.46 12.45 -10.50
C VAL A 228 -19.52 13.09 -11.88
N ARG A 229 -19.64 14.41 -11.94
CA ARG A 229 -19.62 15.11 -13.22
C ARG A 229 -18.29 14.85 -13.92
N SER A 230 -17.19 14.79 -13.20
CA SER A 230 -15.94 14.43 -13.82
C SER A 230 -15.96 13.06 -14.43
N LEU A 231 -16.41 12.07 -13.70
CA LEU A 231 -16.45 10.74 -14.24
C LEU A 231 -17.32 10.69 -15.45
N ARG A 232 -18.37 11.51 -15.52
CA ARG A 232 -19.24 11.53 -16.67
C ARG A 232 -18.64 12.29 -17.81
N SER A 233 -17.57 13.00 -17.60
CA SER A 233 -16.87 13.71 -18.67
C SER A 233 -15.73 13.00 -19.27
N ARG A 234 -15.21 12.00 -18.58
CA ARG A 234 -14.00 11.30 -19.07
C ARG A 234 -14.32 10.36 -20.22
N SER A 235 -13.28 9.91 -20.92
CA SER A 235 -13.51 8.90 -21.92
C SER A 235 -13.97 7.58 -21.32
N ARG A 236 -15.10 7.09 -21.75
CA ARG A 236 -15.56 5.80 -21.23
C ARG A 236 -14.75 4.62 -21.75
N PHE A 237 -14.17 4.75 -22.93
CA PHE A 237 -13.21 3.76 -23.43
C PHE A 237 -12.06 3.63 -22.41
N SER A 238 -11.50 4.76 -22.02
CA SER A 238 -10.40 4.76 -21.07
C SER A 238 -10.80 4.13 -19.74
N MSE A 239 -11.94 4.55 -19.22
CA MSE A 239 -12.43 4.07 -17.89
C MSE A 239 -12.74 2.61 -17.87
O MSE A 239 -12.27 1.90 -17.00
CB MSE A 239 -13.65 4.85 -17.47
CG MSE A 239 -13.14 6.22 -17.03
SE MSE A 239 -14.56 7.33 -16.23
CE MSE A 239 -15.97 7.15 -17.67
N HIS A 240 -13.45 2.14 -18.88
CA HIS A 240 -13.77 0.73 -18.99
C HIS A 240 -12.51 -0.09 -19.09
N SER A 241 -11.61 0.29 -20.01
CA SER A 241 -10.43 -0.47 -20.21
C SER A 241 -9.57 -0.53 -18.97
N MSE A 242 -9.33 0.60 -18.39
CA MSE A 242 -8.43 0.67 -17.22
C MSE A 242 -9.01 0.03 -15.99
O MSE A 242 -8.28 -0.63 -15.22
CB MSE A 242 -7.99 2.10 -16.95
CG MSE A 242 -7.00 2.45 -18.05
SE MSE A 242 -6.14 4.22 -17.69
CE MSE A 242 -7.71 5.43 -17.85
N LYS A 243 -10.31 0.20 -15.77
CA LYS A 243 -10.92 -0.54 -14.66
C LYS A 243 -10.65 -2.05 -14.80
N ARG A 244 -10.90 -2.57 -15.96
CA ARG A 244 -10.75 -3.97 -16.19
C ARG A 244 -9.27 -4.41 -16.07
N LEU A 245 -8.34 -3.61 -16.64
CA LEU A 245 -6.91 -3.97 -16.53
C LEU A 245 -6.38 -3.86 -15.12
N VAL A 246 -6.81 -2.84 -14.36
CA VAL A 246 -6.47 -2.79 -12.97
C VAL A 246 -6.99 -4.02 -12.25
N ASP A 247 -8.26 -4.39 -12.46
CA ASP A 247 -8.83 -5.53 -11.73
C ASP A 247 -8.11 -6.81 -12.11
N LEU A 248 -7.55 -6.91 -13.31
CA LEU A 248 -6.82 -8.13 -13.69
C LEU A 248 -5.37 -8.17 -13.16
N THR A 249 -4.83 -7.05 -12.72
CA THR A 249 -3.41 -6.98 -12.34
C THR A 249 -3.20 -7.75 -11.07
N ASP A 250 -2.34 -8.75 -11.18
CA ASP A 250 -2.07 -9.76 -10.13
C ASP A 250 -3.22 -10.73 -9.78
N SER A 251 -4.20 -10.90 -10.70
CA SER A 251 -5.30 -11.90 -10.57
C SER A 251 -4.94 -13.31 -11.09
N GLY A 256 -3.60 -14.94 -19.65
CA GLY A 256 -4.89 -14.32 -19.96
C GLY A 256 -4.78 -12.81 -19.99
N ILE A 257 -3.91 -12.30 -19.12
CA ILE A 257 -3.76 -10.88 -18.97
C ILE A 257 -3.02 -10.27 -20.18
N ASP A 258 -2.08 -10.99 -20.77
CA ASP A 258 -1.44 -10.53 -22.00
C ASP A 258 -2.36 -10.31 -23.16
N GLN A 259 -3.30 -11.23 -23.32
CA GLN A 259 -4.28 -11.10 -24.39
C GLN A 259 -5.21 -9.90 -24.19
N GLU A 260 -5.60 -9.65 -22.96
CA GLU A 260 -6.45 -8.51 -22.64
C GLU A 260 -5.73 -7.24 -22.93
N TRP A 261 -4.46 -7.18 -22.56
CA TRP A 261 -3.69 -5.97 -22.82
C TRP A 261 -3.57 -5.76 -24.31
N ALA A 262 -3.33 -6.82 -25.05
CA ALA A 262 -3.14 -6.66 -26.48
C ALA A 262 -4.43 -6.16 -27.13
N ALA A 263 -5.56 -6.74 -26.72
CA ALA A 263 -6.87 -6.38 -27.27
C ALA A 263 -7.18 -4.91 -26.94
N ALA A 264 -6.90 -4.47 -25.74
CA ALA A 264 -7.29 -3.12 -25.37
C ALA A 264 -6.42 -2.08 -26.09
N TRP A 265 -5.12 -2.38 -26.16
CA TRP A 265 -4.15 -1.47 -26.72
C TRP A 265 -4.44 -1.31 -28.21
N SER A 266 -4.81 -2.42 -28.83
CA SER A 266 -5.14 -2.43 -30.22
C SER A 266 -6.49 -1.74 -30.48
N ALA A 267 -7.42 -1.85 -29.54
CA ALA A 267 -8.70 -1.15 -29.69
C ALA A 267 -8.57 0.38 -29.57
N MSE A 268 -7.52 0.81 -28.89
CA MSE A 268 -7.40 2.19 -28.44
C MSE A 268 -7.43 3.18 -29.56
O MSE A 268 -8.22 4.15 -29.50
CB MSE A 268 -6.16 2.30 -27.58
CG MSE A 268 -5.84 3.74 -27.24
SE MSE A 268 -4.25 3.67 -26.01
CE MSE A 268 -2.81 3.40 -27.34
N PRO A 269 -6.59 2.98 -30.58
CA PRO A 269 -6.67 3.91 -31.69
C PRO A 269 -7.89 3.67 -32.61
N ASP A 270 -8.56 2.53 -32.53
CA ASP A 270 -9.79 2.31 -33.29
C ASP A 270 -10.98 2.98 -32.58
N SER A 271 -10.94 3.14 -31.27
CA SER A 271 -11.98 3.89 -30.61
C SER A 271 -11.87 5.37 -31.03
N PRO A 272 -13.00 6.05 -31.11
CA PRO A 272 -13.01 7.45 -31.50
C PRO A 272 -12.50 8.39 -30.40
N ASP A 273 -12.45 7.92 -29.16
CA ASP A 273 -12.16 8.83 -28.07
C ASP A 273 -10.75 9.41 -28.14
N MSE A 274 -9.77 8.63 -28.59
CA MSE A 274 -8.39 9.16 -28.62
C MSE A 274 -8.30 10.37 -29.55
O MSE A 274 -7.76 11.40 -29.17
CB MSE A 274 -7.43 8.06 -29.05
CG MSE A 274 -6.01 8.59 -29.16
SE MSE A 274 -4.87 7.00 -29.64
CE MSE A 274 -3.08 7.93 -29.73
N GLY A 275 -8.82 10.25 -30.78
CA GLY A 275 -8.82 11.40 -31.75
C GLY A 275 -9.56 12.64 -31.22
N ILE A 276 -10.70 12.42 -30.53
CA ILE A 276 -11.50 13.51 -29.97
C ILE A 276 -10.70 14.12 -28.83
N GLY A 277 -10.06 13.27 -28.00
CA GLY A 277 -9.27 13.79 -26.87
C GLY A 277 -8.05 14.60 -27.30
N ILE A 278 -7.37 14.14 -28.33
CA ILE A 278 -6.22 14.88 -28.82
C ILE A 278 -6.71 16.25 -29.33
N SER A 279 -7.80 16.29 -30.12
CA SER A 279 -8.12 17.55 -30.79
C SER A 279 -8.64 18.53 -29.78
N ALA A 280 -9.43 18.04 -28.84
CA ALA A 280 -9.96 18.92 -27.84
C ALA A 280 -8.84 19.59 -27.06
N PHE A 281 -7.86 18.80 -26.65
CA PHE A 281 -6.71 19.33 -25.94
C PHE A 281 -5.99 20.41 -26.78
N LEU A 282 -5.70 20.12 -28.04
CA LEU A 282 -5.00 21.07 -28.89
C LEU A 282 -5.81 22.31 -29.15
N ASN A 283 -7.13 22.22 -29.17
CA ASN A 283 -7.98 23.40 -29.36
C ASN A 283 -8.40 24.03 -28.04
N ARG A 284 -7.84 23.57 -26.94
CA ARG A 284 -8.13 24.13 -25.62
C ARG A 284 -9.62 24.08 -25.33
N GLU A 285 -10.21 22.92 -25.52
CA GLU A 285 -11.56 22.78 -25.10
C GLU A 285 -11.81 21.42 -24.52
N GLN A 286 -12.97 21.29 -23.91
CA GLN A 286 -13.28 20.06 -23.21
C GLN A 286 -13.76 19.07 -24.25
N PRO A 287 -13.32 17.80 -24.15
CA PRO A 287 -13.69 16.84 -25.14
C PRO A 287 -15.13 16.37 -24.97
N ARG A 288 -15.79 16.12 -26.08
CA ARG A 288 -17.09 15.46 -26.07
C ARG A 288 -16.94 14.00 -26.59
N PHE A 289 -16.73 13.06 -25.67
CA PHE A 289 -16.33 11.73 -26.04
C PHE A 289 -17.51 10.97 -26.59
N MSE A 290 -17.28 9.85 -27.24
CA MSE A 290 -18.34 9.13 -27.95
C MSE A 290 -18.40 7.67 -27.74
O MSE A 290 -19.44 7.07 -27.94
CB MSE A 290 -18.08 9.36 -29.43
CG MSE A 290 -19.15 8.94 -30.37
SE MSE A 290 -18.72 9.56 -32.24
CE MSE A 290 -18.46 11.49 -31.84
N TRP A 291 -17.31 7.03 -27.32
CA TRP A 291 -17.34 5.56 -27.21
C TRP A 291 -18.35 5.16 -26.17
N ARG A 292 -19.03 4.07 -26.44
CA ARG A 292 -19.97 3.48 -25.55
C ARG A 292 -19.75 1.97 -25.54
N PRO A 293 -20.06 1.30 -24.41
CA PRO A 293 -19.87 -0.15 -24.35
C PRO A 293 -20.90 -0.83 -25.23
N ALA A 294 -20.54 -1.99 -25.80
CA ALA A 294 -21.35 -2.72 -26.82
C ALA A 294 -22.16 -3.85 -26.23
N ALA B 30 7.60 33.03 -34.89
CA ALA B 30 8.70 32.47 -34.06
C ALA B 30 8.43 30.99 -33.73
N ARG B 31 9.42 30.15 -34.01
CA ARG B 31 9.34 28.70 -33.83
C ARG B 31 9.85 28.39 -32.40
N PRO B 32 9.33 27.34 -31.73
CA PRO B 32 9.77 27.10 -30.36
C PRO B 32 11.16 26.49 -30.30
N ARG B 33 11.85 26.76 -29.20
CA ARG B 33 13.15 26.11 -28.92
C ARG B 33 12.92 24.63 -28.73
N THR B 34 13.73 23.80 -29.36
CA THR B 34 13.48 22.37 -29.32
C THR B 34 13.64 21.71 -27.95
N GLY B 35 12.73 20.77 -27.68
CA GLY B 35 12.80 19.96 -26.47
C GLY B 35 13.92 18.99 -26.46
N ARG B 36 14.52 18.78 -25.28
CA ARG B 36 15.70 17.91 -25.17
C ARG B 36 15.88 17.36 -23.73
N ILE B 37 16.68 16.30 -23.60
CA ILE B 37 17.08 15.73 -22.34
C ILE B 37 18.59 15.99 -22.22
N SER B 38 19.00 16.71 -21.20
CA SER B 38 20.37 17.07 -21.03
C SER B 38 20.90 16.42 -19.75
N VAL B 39 22.19 16.28 -19.63
CA VAL B 39 22.79 15.75 -18.45
C VAL B 39 24.02 16.56 -18.07
N ALA B 40 24.20 16.71 -16.78
CA ALA B 40 25.35 17.38 -16.20
C ALA B 40 25.88 16.50 -15.12
N ILE B 41 27.19 16.33 -15.09
CA ILE B 41 27.82 15.39 -14.18
C ILE B 41 28.84 16.08 -13.33
N ALA B 42 28.68 15.94 -12.02
CA ALA B 42 29.63 16.50 -11.07
C ALA B 42 29.61 15.69 -9.77
N ASP B 43 30.78 15.43 -9.18
CA ASP B 43 30.86 14.76 -7.85
C ASP B 43 30.06 13.42 -7.78
N GLY B 44 30.04 12.67 -8.86
CA GLY B 44 29.38 11.40 -8.91
C GLY B 44 27.91 11.46 -9.12
N VAL B 45 27.36 12.64 -9.37
CA VAL B 45 25.90 12.79 -9.60
C VAL B 45 25.63 13.21 -11.01
N ALA B 46 24.81 12.47 -11.71
CA ALA B 46 24.36 12.85 -13.01
C ALA B 46 23.01 13.50 -12.90
N SER B 47 22.94 14.81 -13.13
CA SER B 47 21.64 15.49 -13.17
C SER B 47 21.05 15.49 -14.55
N VAL B 48 19.98 14.77 -14.71
CA VAL B 48 19.30 14.64 -15.93
C VAL B 48 18.11 15.60 -15.89
N GLU B 49 18.01 16.42 -16.91
CA GLU B 49 17.02 17.42 -16.95
C GLU B 49 16.10 17.25 -18.15
N ILE B 50 14.82 17.30 -17.87
CA ILE B 50 13.81 17.27 -18.91
C ILE B 50 13.54 18.72 -19.32
N SER B 51 13.94 19.08 -20.51
CA SER B 51 13.89 20.50 -20.89
C SER B 51 13.09 20.76 -22.13
N ASN B 52 11.88 21.18 -21.94
CA ASN B 52 11.00 21.54 -23.04
C ASN B 52 9.96 22.54 -22.53
N LEU B 53 10.45 23.65 -22.03
CA LEU B 53 9.64 24.61 -21.31
C LEU B 53 8.48 25.21 -22.06
N ALA B 54 8.62 25.39 -23.35
CA ALA B 54 7.52 25.85 -24.19
C ALA B 54 6.32 24.91 -24.16
N GLN B 55 6.51 23.64 -23.87
CA GLN B 55 5.40 22.72 -23.71
C GLN B 55 5.34 22.19 -22.30
N ARG B 56 5.79 23.00 -21.34
CA ARG B 56 5.79 22.61 -19.92
C ARG B 56 6.49 21.28 -19.70
N ASN B 57 7.62 21.12 -20.38
CA ASN B 57 8.49 19.97 -20.27
C ASN B 57 7.82 18.66 -20.71
N ALA B 58 6.88 18.77 -21.64
CA ALA B 58 6.30 17.60 -22.31
C ALA B 58 7.37 16.81 -23.00
N LEU B 59 7.17 15.52 -23.09
CA LEU B 59 8.12 14.63 -23.78
C LEU B 59 7.74 14.41 -25.23
N THR B 60 8.65 14.75 -26.10
CA THR B 60 8.55 14.40 -27.51
C THR B 60 9.10 13.00 -27.78
N LYS B 61 8.88 12.48 -28.97
CA LYS B 61 9.44 11.21 -29.33
C LYS B 61 10.96 11.27 -29.22
N ASP B 62 11.56 12.33 -29.72
CA ASP B 62 13.03 12.46 -29.64
C ASP B 62 13.57 12.47 -28.22
N MSE B 63 12.85 13.14 -27.32
CA MSE B 63 13.23 13.15 -25.94
C MSE B 63 13.14 11.77 -25.38
O MSE B 63 14.01 11.40 -24.62
CB MSE B 63 12.34 14.12 -25.15
CG MSE B 63 12.79 15.53 -25.36
SE MSE B 63 11.33 16.80 -24.92
CE MSE B 63 11.76 17.05 -23.01
N CYS B 64 12.10 11.01 -25.72
CA CYS B 64 12.05 9.65 -25.24
C CYS B 64 13.21 8.80 -25.71
N LEU B 65 13.58 8.95 -26.97
CA LEU B 65 14.74 8.23 -27.55
C LEU B 65 16.06 8.59 -26.84
N GLU B 66 16.22 9.87 -26.53
CA GLU B 66 17.40 10.35 -25.81
C GLU B 66 17.49 9.68 -24.42
N ILE B 67 16.39 9.52 -23.71
CA ILE B 67 16.44 8.93 -22.37
C ILE B 67 16.85 7.46 -22.55
N GLN B 68 16.28 6.89 -23.57
CA GLN B 68 16.51 5.52 -23.84
C GLN B 68 17.97 5.23 -24.14
N GLU B 69 18.63 6.10 -24.89
CA GLU B 69 20.06 6.00 -25.12
C GLU B 69 20.92 6.44 -23.96
N LEU B 70 20.49 7.45 -23.24
CA LEU B 70 21.32 7.97 -22.20
C LEU B 70 21.45 7.03 -20.96
N MSE B 71 20.35 6.38 -20.55
CA MSE B 71 20.38 5.62 -19.28
C MSE B 71 21.44 4.52 -19.28
O MSE B 71 22.25 4.46 -18.37
CB MSE B 71 19.05 5.02 -18.88
CG MSE B 71 18.00 6.09 -18.71
SE MSE B 71 18.47 7.46 -17.32
CE MSE B 71 18.67 9.04 -18.52
N PRO B 72 21.51 3.68 -20.30
CA PRO B 72 22.67 2.74 -20.33
C PRO B 72 24.08 3.38 -20.36
N GLN B 73 24.23 4.58 -20.88
CA GLN B 73 25.56 5.21 -20.83
C GLN B 73 25.92 5.69 -19.41
N LEU B 74 24.91 6.16 -18.68
CA LEU B 74 25.10 6.56 -17.32
C LEU B 74 25.37 5.36 -16.44
N ASP B 75 24.69 4.25 -16.71
CA ASP B 75 24.94 3.02 -15.98
C ASP B 75 26.37 2.48 -16.19
N ALA B 76 26.95 2.66 -17.36
CA ALA B 76 28.30 2.22 -17.62
C ALA B 76 29.37 3.26 -17.23
N ASP B 77 29.00 4.49 -16.92
CA ASP B 77 29.98 5.54 -16.68
C ASP B 77 30.54 5.51 -15.25
N PRO B 78 31.84 5.24 -15.07
CA PRO B 78 32.36 5.12 -13.70
C PRO B 78 32.40 6.45 -12.95
N ASP B 79 32.21 7.56 -13.63
CA ASP B 79 32.10 8.83 -12.94
C ASP B 79 30.70 9.10 -12.39
N VAL B 80 29.75 8.21 -12.61
CA VAL B 80 28.39 8.41 -12.17
C VAL B 80 28.05 7.39 -11.10
N ALA B 81 27.71 7.88 -9.92
CA ALA B 81 27.25 7.00 -8.84
C ALA B 81 25.76 7.11 -8.60
N VAL B 82 25.19 8.31 -8.79
CA VAL B 82 23.75 8.56 -8.53
C VAL B 82 23.15 9.37 -9.66
N VAL B 83 21.90 9.10 -10.01
CA VAL B 83 21.21 9.81 -11.04
C VAL B 83 20.05 10.54 -10.43
N VAL B 84 19.87 11.79 -10.80
CA VAL B 84 18.84 12.63 -10.36
C VAL B 84 18.06 13.14 -11.56
N LEU B 85 16.75 12.98 -11.58
CA LEU B 85 15.92 13.36 -12.70
C LEU B 85 15.02 14.53 -12.27
N ARG B 86 15.01 15.57 -13.06
CA ARG B 86 14.40 16.84 -12.68
C ARG B 86 14.00 17.64 -13.90
N GLY B 87 12.91 18.37 -13.84
CA GLY B 87 12.54 19.24 -14.95
C GLY B 87 13.30 20.56 -14.98
N ALA B 88 13.46 21.10 -16.18
CA ALA B 88 14.01 22.44 -16.33
C ALA B 88 13.04 23.41 -15.70
N GLY B 89 13.57 24.46 -15.07
CA GLY B 89 12.74 25.49 -14.49
C GLY B 89 11.99 24.91 -13.29
N ASP B 90 10.74 25.30 -13.12
CA ASP B 90 10.02 24.94 -11.95
C ASP B 90 8.89 24.00 -12.23
N THR B 91 9.07 23.14 -13.22
CA THR B 91 8.06 22.18 -13.57
C THR B 91 8.71 20.89 -13.99
N PHE B 92 8.07 19.76 -13.71
CA PHE B 92 8.72 18.50 -13.95
C PHE B 92 8.49 18.03 -15.37
N CYS B 93 7.27 17.66 -15.71
CA CYS B 93 6.96 17.07 -16.99
C CYS B 93 5.48 17.01 -17.20
N ALA B 94 5.03 17.50 -18.35
CA ALA B 94 3.58 17.47 -18.66
C ALA B 94 3.12 16.18 -19.35
N GLY B 95 3.98 15.20 -19.54
CA GLY B 95 3.61 13.95 -20.15
C GLY B 95 4.02 13.86 -21.58
N ALA B 96 3.56 12.83 -22.30
CA ALA B 96 3.81 12.76 -23.71
C ALA B 96 3.23 14.01 -24.32
N SER B 97 3.97 14.61 -25.24
CA SER B 97 3.45 15.74 -26.02
C SER B 97 2.22 15.34 -26.82
N ILE B 98 1.11 16.02 -26.56
CA ILE B 98 -0.17 15.62 -27.17
C ILE B 98 -0.14 15.88 -28.66
N SER B 99 0.56 16.91 -29.09
CA SER B 99 0.64 17.13 -30.53
C SER B 99 1.48 16.07 -31.23
N GLU B 100 2.13 15.17 -30.53
CA GLU B 100 2.75 14.09 -31.24
C GLU B 100 2.51 12.78 -30.52
N LEU B 101 1.31 12.67 -29.97
CA LEU B 101 1.03 11.54 -29.11
C LEU B 101 1.20 10.15 -29.81
N ALA B 102 0.75 9.97 -31.06
CA ALA B 102 0.80 8.64 -31.70
C ALA B 102 2.23 8.24 -31.99
N SER B 103 3.06 9.21 -32.32
CA SER B 103 4.44 8.90 -32.55
C SER B 103 5.16 8.55 -31.24
N VAL B 104 4.68 9.00 -30.09
CA VAL B 104 5.28 8.62 -28.84
C VAL B 104 4.77 7.23 -28.38
N LEU B 105 3.47 6.98 -28.48
CA LEU B 105 2.89 5.73 -27.94
C LEU B 105 2.65 4.58 -28.94
N LEU B 106 2.44 4.92 -30.21
CA LEU B 106 2.05 3.99 -31.23
C LEU B 106 2.96 4.18 -32.45
N ASP B 107 4.26 4.26 -32.27
CA ASP B 107 5.16 4.54 -33.38
C ASP B 107 5.40 3.29 -34.29
N PRO B 108 4.96 3.33 -35.54
CA PRO B 108 5.11 2.08 -36.35
C PRO B 108 6.52 1.63 -36.64
N GLN B 109 6.72 0.33 -36.58
CA GLN B 109 8.05 -0.29 -36.73
C GLN B 109 8.07 -1.16 -38.00
N PRO B 110 9.25 -1.34 -38.61
CA PRO B 110 9.32 -2.13 -39.87
C PRO B 110 8.78 -3.52 -39.76
N ASP B 111 8.88 -4.17 -38.61
CA ASP B 111 8.32 -5.52 -38.53
C ASP B 111 6.82 -5.50 -38.37
N GLY B 112 6.18 -4.33 -38.44
CA GLY B 112 4.69 -4.29 -38.29
C GLY B 112 4.17 -4.14 -36.88
N SER B 113 5.04 -4.16 -35.87
CA SER B 113 4.59 -3.80 -34.52
C SER B 113 4.59 -2.27 -34.33
N THR B 114 4.17 -1.82 -33.16
CA THR B 114 4.38 -0.47 -32.78
C THR B 114 5.21 -0.40 -31.53
N ALA B 115 5.83 0.74 -31.35
CA ALA B 115 6.61 1.02 -30.19
C ALA B 115 6.04 2.16 -29.38
N ASP B 116 6.06 1.92 -28.10
CA ASP B 116 5.68 2.92 -27.14
C ASP B 116 6.98 3.48 -26.58
N HIS B 117 7.44 4.59 -27.13
CA HIS B 117 8.73 5.14 -26.74
C HIS B 117 8.75 5.70 -25.30
N LEU B 118 7.60 6.09 -24.78
CA LEU B 118 7.55 6.58 -23.44
C LEU B 118 7.82 5.40 -22.47
N SER B 119 7.16 4.26 -22.71
CA SER B 119 7.49 3.02 -21.93
C SER B 119 8.89 2.56 -22.15
N ARG B 120 9.44 2.66 -23.32
CA ARG B 120 10.83 2.25 -23.45
C ARG B 120 11.76 3.19 -22.67
N ALA B 121 11.48 4.45 -22.66
CA ALA B 121 12.23 5.37 -21.82
C ALA B 121 12.10 4.99 -20.32
N ASP B 122 10.88 4.78 -19.85
CA ASP B 122 10.56 4.24 -18.48
C ASP B 122 11.41 3.02 -18.18
N SER B 123 11.36 2.02 -19.02
CA SER B 123 12.18 0.84 -18.78
C SER B 123 13.70 1.11 -18.74
N ALA B 124 14.20 2.00 -19.59
CA ALA B 124 15.63 2.34 -19.57
C ALA B 124 15.98 2.93 -18.21
N ILE B 125 15.13 3.77 -17.67
CA ILE B 125 15.36 4.35 -16.34
C ILE B 125 15.23 3.30 -15.24
N ALA B 126 14.27 2.39 -15.37
CA ALA B 126 14.08 1.32 -14.35
C ALA B 126 15.18 0.29 -14.40
N ALA B 127 15.86 0.17 -15.52
CA ALA B 127 16.88 -0.85 -15.59
C ALA B 127 18.20 -0.30 -15.02
N LEU B 128 18.28 0.97 -14.66
CA LEU B 128 19.53 1.48 -14.12
C LEU B 128 19.86 0.68 -12.88
N SER B 129 21.10 0.23 -12.73
CA SER B 129 21.48 -0.48 -11.52
C SER B 129 21.85 0.54 -10.44
N LYS B 130 22.18 1.76 -10.83
CA LYS B 130 22.51 2.81 -9.86
C LYS B 130 21.28 3.48 -9.24
N PRO B 131 21.39 4.06 -8.05
CA PRO B 131 20.25 4.78 -7.50
C PRO B 131 19.83 5.96 -8.35
N ALA B 132 18.51 6.15 -8.51
CA ALA B 132 17.95 7.24 -9.25
C ALA B 132 16.82 7.81 -8.45
N VAL B 133 16.80 9.15 -8.35
CA VAL B 133 15.72 9.85 -7.66
C VAL B 133 15.12 10.93 -8.53
N ALA B 134 13.78 10.97 -8.56
CA ALA B 134 13.10 12.03 -9.24
C ALA B 134 12.73 13.19 -8.24
N LEU B 135 13.06 14.41 -8.60
CA LEU B 135 12.75 15.60 -7.86
C LEU B 135 11.71 16.35 -8.63
N VAL B 136 10.50 16.35 -8.14
CA VAL B 136 9.36 16.85 -8.85
C VAL B 136 8.95 18.18 -8.27
N ASP B 137 8.94 19.21 -9.11
CA ASP B 137 8.34 20.49 -8.77
C ASP B 137 7.26 20.84 -9.82
N GLY B 138 6.41 21.78 -9.53
CA GLY B 138 5.42 22.21 -10.52
C GLY B 138 4.54 21.00 -10.91
N ALA B 139 4.29 20.82 -12.19
CA ALA B 139 3.33 19.86 -12.64
C ALA B 139 4.02 18.63 -13.13
N CYS B 140 3.49 17.50 -12.73
CA CYS B 140 3.90 16.21 -13.20
C CYS B 140 2.63 15.49 -13.72
N MSE B 141 2.39 15.49 -15.01
CA MSE B 141 1.10 15.13 -15.58
C MSE B 141 1.28 13.97 -16.53
O MSE B 141 2.32 13.80 -17.16
CB MSE B 141 0.45 16.28 -16.37
CG MSE B 141 0.39 17.63 -15.65
SE MSE B 141 -0.64 17.52 -13.95
CE MSE B 141 -2.43 17.54 -14.85
N GLY B 142 0.20 13.20 -16.71
CA GLY B 142 0.14 12.06 -17.64
C GLY B 142 1.31 11.11 -17.50
N GLY B 143 2.06 10.95 -18.57
CA GLY B 143 3.23 10.11 -18.56
C GLY B 143 4.44 10.67 -17.80
N GLY B 144 4.34 11.90 -17.28
CA GLY B 144 5.33 12.41 -16.40
C GLY B 144 5.48 11.52 -15.17
N TRP B 145 4.38 11.03 -14.61
CA TRP B 145 4.48 10.21 -13.41
C TRP B 145 5.13 8.89 -13.78
N GLN B 146 4.90 8.43 -14.98
CA GLN B 146 5.42 7.15 -15.34
C GLN B 146 6.98 7.25 -15.40
N ILE B 147 7.49 8.35 -15.92
CA ILE B 147 8.90 8.57 -15.99
C ILE B 147 9.47 8.77 -14.59
N ALA B 148 8.83 9.63 -13.80
CA ALA B 148 9.27 9.84 -12.42
C ALA B 148 9.27 8.54 -11.60
N SER B 149 8.24 7.72 -11.77
CA SER B 149 8.09 6.54 -10.95
C SER B 149 9.04 5.45 -11.41
N ALA B 150 9.69 5.63 -12.55
CA ALA B 150 10.67 4.65 -12.96
C ALA B 150 11.94 4.78 -12.13
N CYS B 151 12.13 5.94 -11.55
CA CYS B 151 13.22 6.13 -10.62
C CYS B 151 12.90 5.36 -9.35
N ASP B 152 13.86 5.32 -8.44
CA ASP B 152 13.67 4.54 -7.24
C ASP B 152 12.60 5.09 -6.39
N PHE B 153 12.58 6.42 -6.27
CA PHE B 153 11.51 7.08 -5.57
C PHE B 153 11.42 8.54 -5.97
N ILE B 154 10.36 9.20 -5.53
CA ILE B 154 10.07 10.60 -5.91
C ILE B 154 9.97 11.47 -4.65
N ILE B 155 10.69 12.57 -4.68
CA ILE B 155 10.60 13.61 -3.72
C ILE B 155 9.94 14.80 -4.40
N ALA B 156 8.86 15.31 -3.81
CA ALA B 156 8.10 16.41 -4.39
C ALA B 156 8.14 17.66 -3.55
N ASN B 157 8.15 18.79 -4.24
CA ASN B 157 7.99 20.06 -3.62
C ASN B 157 6.55 20.16 -3.22
N GLU B 158 6.31 20.74 -2.09
CA GLU B 158 4.95 20.93 -1.59
C GLU B 158 3.99 21.58 -2.56
N ARG B 159 4.49 22.48 -3.40
CA ARG B 159 3.63 23.18 -4.31
C ARG B 159 3.42 22.38 -5.60
N ALA B 160 4.06 21.25 -5.78
CA ALA B 160 3.85 20.44 -7.00
C ALA B 160 2.42 19.85 -7.10
N VAL B 161 2.03 19.50 -8.30
CA VAL B 161 0.77 18.86 -8.57
C VAL B 161 0.99 17.68 -9.48
N ILE B 162 0.20 16.64 -9.23
CA ILE B 162 0.32 15.41 -9.93
C ILE B 162 -1.01 14.93 -10.38
N GLY B 163 -1.13 14.67 -11.67
CA GLY B 163 -2.32 14.05 -12.22
C GLY B 163 -2.00 13.04 -13.33
N LEU B 164 -2.69 11.91 -13.31
CA LEU B 164 -2.57 10.92 -14.36
C LEU B 164 -3.82 11.00 -15.18
N THR B 165 -3.71 11.51 -16.38
CA THR B 165 -4.84 11.96 -17.16
C THR B 165 -5.18 11.17 -18.48
N PRO B 166 -4.84 9.87 -18.59
CA PRO B 166 -5.24 9.19 -19.83
C PRO B 166 -6.74 9.30 -20.13
N ALA B 167 -7.54 9.29 -19.10
CA ALA B 167 -8.99 9.30 -19.26
C ALA B 167 -9.52 10.67 -19.74
N LYS B 168 -8.74 11.72 -19.60
CA LYS B 168 -9.07 12.99 -20.18
C LYS B 168 -8.77 13.10 -21.65
N ILE B 169 -8.03 12.12 -22.19
CA ILE B 169 -7.57 12.12 -23.54
C ILE B 169 -8.14 10.92 -24.39
N GLY B 170 -8.72 9.90 -23.78
CA GLY B 170 -9.20 8.76 -24.55
C GLY B 170 -8.20 7.64 -24.78
N ILE B 171 -7.12 7.67 -24.02
CA ILE B 171 -6.11 6.61 -24.13
C ILE B 171 -6.06 5.77 -22.86
N ILE B 172 -5.07 4.90 -22.78
CA ILE B 172 -4.90 3.96 -21.69
C ILE B 172 -3.51 4.18 -21.18
N TYR B 173 -3.32 4.13 -19.88
CA TYR B 173 -1.99 4.28 -19.32
C TYR B 173 -1.21 3.04 -19.71
N PRO B 174 0.03 3.20 -20.11
CA PRO B 174 0.79 2.08 -20.63
C PRO B 174 0.96 1.03 -19.57
N ARG B 175 1.07 -0.22 -20.00
CA ARG B 175 1.15 -1.28 -19.08
C ARG B 175 2.17 -1.15 -17.94
N PRO B 176 3.40 -0.74 -18.22
CA PRO B 176 4.34 -0.79 -17.11
C PRO B 176 3.98 0.25 -16.09
N GLY B 177 3.43 1.36 -16.56
CA GLY B 177 3.01 2.42 -15.67
C GLY B 177 1.78 2.00 -14.87
N LEU B 178 0.85 1.35 -15.56
CA LEU B 178 -0.41 0.99 -14.91
C LEU B 178 -0.12 -0.06 -13.80
N GLU B 179 0.71 -1.02 -14.10
CA GLU B 179 1.04 -2.04 -13.14
C GLU B 179 1.85 -1.48 -11.98
N ARG B 180 2.84 -0.66 -12.27
CA ARG B 180 3.57 -0.01 -11.22
C ARG B 180 2.61 0.79 -10.31
N LEU B 181 1.72 1.57 -10.88
CA LEU B 181 0.76 2.31 -10.06
C LEU B 181 -0.03 1.43 -9.14
N VAL B 182 -0.56 0.34 -9.70
CA VAL B 182 -1.36 -0.54 -8.92
C VAL B 182 -0.58 -1.12 -7.76
N ARG B 183 0.67 -1.47 -8.01
CA ARG B 183 1.50 -1.99 -6.94
C ARG B 183 1.90 -0.95 -5.93
N LEU B 184 2.09 0.30 -6.32
CA LEU B 184 2.47 1.31 -5.37
C LEU B 184 1.35 1.83 -4.54
N VAL B 185 0.16 1.95 -5.09
CA VAL B 185 -0.89 2.59 -4.37
C VAL B 185 -2.07 1.73 -4.07
N GLY B 186 -2.09 0.50 -4.60
CA GLY B 186 -3.22 -0.43 -4.42
C GLY B 186 -4.30 -0.20 -5.45
N HIS B 187 -5.19 -1.17 -5.56
CA HIS B 187 -6.22 -1.18 -6.62
C HIS B 187 -7.22 -0.04 -6.53
N ALA B 188 -7.59 0.36 -5.33
CA ALA B 188 -8.67 1.34 -5.21
C ALA B 188 -8.15 2.71 -5.50
N ASN B 189 -7.00 3.03 -4.92
CA ASN B 189 -6.38 4.35 -5.18
C ASN B 189 -6.02 4.48 -6.63
N ALA B 190 -5.57 3.40 -7.25
CA ALA B 190 -5.25 3.47 -8.67
C ALA B 190 -6.44 3.81 -9.48
N LYS B 191 -7.58 3.24 -9.16
CA LYS B 191 -8.79 3.60 -9.88
C LYS B 191 -9.25 5.00 -9.62
N TYR B 192 -9.10 5.47 -8.42
CA TYR B 192 -9.47 6.84 -8.13
C TYR B 192 -8.64 7.74 -8.99
N ILE B 193 -7.35 7.46 -9.05
CA ILE B 193 -6.42 8.29 -9.75
C ILE B 193 -6.70 8.22 -11.24
N LEU B 194 -6.83 7.01 -11.81
CA LEU B 194 -6.98 6.90 -13.25
C LEU B 194 -8.36 7.19 -13.78
N LEU B 195 -9.40 6.76 -13.10
CA LEU B 195 -10.75 7.00 -13.62
C LEU B 195 -11.12 8.49 -13.54
N THR B 196 -10.71 9.22 -12.52
CA THR B 196 -11.09 10.65 -12.45
C THR B 196 -10.09 11.48 -13.23
N GLY B 197 -8.85 11.05 -13.30
CA GLY B 197 -7.83 11.90 -13.96
C GLY B 197 -7.68 13.24 -13.24
N GLN B 198 -8.08 13.27 -11.99
CA GLN B 198 -7.91 14.45 -11.15
C GLN B 198 -6.43 14.89 -10.91
N THR B 199 -6.26 16.17 -10.69
CA THR B 199 -5.00 16.72 -10.31
C THR B 199 -4.90 16.80 -8.77
N PHE B 200 -3.86 16.21 -8.17
CA PHE B 200 -3.65 16.21 -6.77
C PHE B 200 -2.51 17.09 -6.35
N SER B 201 -2.63 17.74 -5.20
CA SER B 201 -1.56 18.44 -4.61
C SER B 201 -0.53 17.40 -4.14
N ALA B 202 0.67 17.87 -3.88
CA ALA B 202 1.73 16.98 -3.46
C ALA B 202 1.39 16.30 -2.17
N PRO B 203 0.82 17.01 -1.20
CA PRO B 203 0.51 16.26 0.05
C PRO B 203 -0.58 15.20 -0.16
N GLU B 204 -1.55 15.45 -1.05
CA GLU B 204 -2.50 14.40 -1.45
C GLU B 204 -1.87 13.26 -2.20
N ALA B 205 -0.95 13.57 -3.09
CA ALA B 205 -0.25 12.54 -3.82
C ALA B 205 0.54 11.66 -2.88
N ARG B 206 1.11 12.28 -1.90
CA ARG B 206 1.82 11.50 -0.89
C ARG B 206 0.90 10.57 -0.09
N ALA B 207 -0.22 11.08 0.37
CA ALA B 207 -1.22 10.28 1.12
C ALA B 207 -1.64 9.11 0.27
N LEU B 208 -1.78 9.28 -1.04
CA LEU B 208 -2.17 8.18 -1.93
C LEU B 208 -1.08 7.18 -2.20
N GLY B 209 0.16 7.53 -1.90
CA GLY B 209 1.31 6.70 -2.23
C GLY B 209 2.10 7.01 -3.51
N LEU B 210 1.76 8.06 -4.20
CA LEU B 210 2.38 8.35 -5.51
C LEU B 210 3.78 8.90 -5.38
N VAL B 211 4.09 9.53 -4.25
CA VAL B 211 5.39 10.04 -4.01
C VAL B 211 5.85 9.65 -2.64
N ALA B 212 7.17 9.59 -2.42
CA ALA B 212 7.70 9.10 -1.17
C ALA B 212 7.85 10.15 -0.12
N ASP B 213 8.11 11.38 -0.51
CA ASP B 213 8.14 12.47 0.44
C ASP B 213 7.83 13.79 -0.19
N VAL B 214 7.47 14.74 0.67
CA VAL B 214 7.07 16.07 0.29
C VAL B 214 7.84 17.02 1.14
N VAL B 215 8.43 18.05 0.52
CA VAL B 215 9.26 18.99 1.22
C VAL B 215 8.70 20.40 0.98
N PRO B 216 8.58 21.22 2.03
CA PRO B 216 8.11 22.61 1.84
C PRO B 216 8.97 23.34 0.85
N SER B 217 8.33 24.27 0.19
CA SER B 217 8.96 24.95 -0.92
CA SER B 217 8.95 24.97 -0.91
C SER B 217 10.23 25.73 -0.51
N GLU B 218 10.20 26.36 0.64
CA GLU B 218 11.34 27.17 1.08
C GLU B 218 12.58 26.32 1.38
N SER B 219 12.44 25.04 1.68
CA SER B 219 13.60 24.22 1.95
C SER B 219 13.81 23.10 0.94
N PHE B 220 13.08 23.10 -0.17
CA PHE B 220 13.12 22.00 -1.14
C PHE B 220 14.51 21.79 -1.71
N GLU B 221 15.14 22.89 -2.07
CA GLU B 221 16.43 22.81 -2.65
C GLU B 221 17.50 22.26 -1.67
N GLU B 222 17.54 22.81 -0.49
CA GLU B 222 18.47 22.35 0.55
C GLU B 222 18.24 20.92 0.91
N LYS B 223 17.00 20.51 1.07
CA LYS B 223 16.76 19.15 1.42
C LYS B 223 17.04 18.14 0.29
N CYS B 224 16.82 18.51 -0.95
CA CYS B 224 17.14 17.63 -2.00
C CYS B 224 18.66 17.52 -2.09
N ALA B 225 19.40 18.63 -1.93
CA ALA B 225 20.88 18.55 -2.00
C ALA B 225 21.41 17.67 -0.89
N ALA B 226 20.86 17.75 0.30
CA ALA B 226 21.29 16.89 1.40
C ALA B 226 20.93 15.42 1.11
N LEU B 227 19.76 15.21 0.56
CA LEU B 227 19.37 13.86 0.23
C LEU B 227 20.41 13.24 -0.72
N VAL B 228 20.76 13.99 -1.76
CA VAL B 228 21.73 13.53 -2.74
C VAL B 228 23.11 13.26 -2.09
N ARG B 229 23.56 14.14 -1.23
CA ARG B 229 24.77 13.89 -0.48
C ARG B 229 24.69 12.63 0.35
N SER B 230 23.55 12.39 0.95
CA SER B 230 23.40 11.13 1.66
C SER B 230 23.57 9.92 0.77
N LEU B 231 22.90 9.90 -0.37
CA LEU B 231 23.03 8.76 -1.28
C LEU B 231 24.47 8.61 -1.76
N ARG B 232 25.22 9.71 -1.85
CA ARG B 232 26.62 9.64 -2.20
C ARG B 232 27.49 9.19 -1.06
N SER B 233 27.01 9.11 0.14
CA SER B 233 27.79 8.59 1.27
C SER B 233 27.55 7.17 1.65
N ARG B 234 26.44 6.61 1.23
CA ARG B 234 26.09 5.26 1.64
C ARG B 234 26.95 4.22 0.90
N SER B 235 26.96 3.00 1.41
CA SER B 235 27.60 1.94 0.70
C SER B 235 26.94 1.66 -0.65
N ARG B 236 27.72 1.73 -1.73
CA ARG B 236 27.20 1.40 -3.04
C ARG B 236 26.97 -0.10 -3.22
N PHE B 237 27.72 -0.94 -2.54
CA PHE B 237 27.40 -2.35 -2.52
C PHE B 237 25.97 -2.57 -1.98
N SER B 238 25.67 -1.98 -0.84
CA SER B 238 24.35 -2.09 -0.26
C SER B 238 23.30 -1.59 -1.21
N MSE B 239 23.48 -0.42 -1.76
CA MSE B 239 22.46 0.21 -2.58
C MSE B 239 22.19 -0.52 -3.82
O MSE B 239 21.02 -0.77 -4.15
CB MSE B 239 22.85 1.64 -2.94
CG MSE B 239 22.64 2.49 -1.71
SE MSE B 239 22.94 4.45 -2.04
CE MSE B 239 24.76 4.39 -2.88
N HIS B 240 23.23 -0.92 -4.52
CA HIS B 240 23.09 -1.78 -5.74
C HIS B 240 22.40 -3.09 -5.47
N SER B 241 22.85 -3.80 -4.44
CA SER B 241 22.23 -5.05 -4.08
C SER B 241 20.76 -4.91 -3.73
N MSE B 242 20.46 -3.96 -2.86
CA MSE B 242 19.08 -3.86 -2.34
C MSE B 242 18.13 -3.32 -3.39
O MSE B 242 16.99 -3.75 -3.45
CB MSE B 242 19.04 -3.04 -1.04
CG MSE B 242 19.58 -3.94 0.07
SE MSE B 242 19.34 -3.00 1.83
CE MSE B 242 20.66 -1.51 1.60
N LYS B 243 18.59 -2.40 -4.21
CA LYS B 243 17.77 -1.93 -5.31
C LYS B 243 17.35 -3.09 -6.22
N ARG B 244 18.31 -3.92 -6.55
CA ARG B 244 18.06 -5.07 -7.36
C ARG B 244 17.14 -6.08 -6.67
N LEU B 245 17.38 -6.35 -5.37
CA LEU B 245 16.57 -7.34 -4.64
C LEU B 245 15.11 -6.82 -4.37
N VAL B 246 14.96 -5.55 -4.10
CA VAL B 246 13.65 -4.96 -4.08
C VAL B 246 12.96 -5.11 -5.42
N ASP B 247 13.62 -4.75 -6.51
CA ASP B 247 13.01 -4.81 -7.82
C ASP B 247 12.62 -6.22 -8.21
N LEU B 248 13.31 -7.24 -7.72
CA LEU B 248 12.93 -8.62 -8.00
C LEU B 248 11.81 -9.16 -7.10
N THR B 249 11.51 -8.49 -5.99
CA THR B 249 10.57 -9.04 -5.01
C THR B 249 9.23 -9.07 -5.66
N ASP B 250 8.66 -10.27 -5.71
CA ASP B 250 7.37 -10.59 -6.34
C ASP B 250 7.33 -10.51 -7.88
N SER B 251 8.50 -10.52 -8.53
CA SER B 251 8.62 -10.66 -10.01
C SER B 251 8.47 -12.12 -10.51
N GLY B 256 15.89 -18.69 -8.62
CA GLY B 256 15.61 -17.55 -9.57
C GLY B 256 15.88 -16.22 -8.85
N ILE B 257 14.87 -15.81 -8.09
CA ILE B 257 15.10 -14.86 -7.04
C ILE B 257 15.96 -15.49 -5.92
N ASP B 258 15.81 -16.78 -5.68
CA ASP B 258 16.69 -17.48 -4.71
C ASP B 258 18.18 -17.43 -5.04
N GLN B 259 18.51 -17.63 -6.30
CA GLN B 259 19.89 -17.57 -6.74
C GLN B 259 20.47 -16.15 -6.56
N GLU B 260 19.69 -15.12 -6.85
CA GLU B 260 20.13 -13.75 -6.67
C GLU B 260 20.35 -13.42 -5.21
N TRP B 261 19.48 -13.88 -4.37
CA TRP B 261 19.70 -13.67 -2.94
C TRP B 261 20.95 -14.39 -2.49
N ALA B 262 21.16 -15.64 -2.95
CA ALA B 262 22.32 -16.42 -2.50
C ALA B 262 23.61 -15.73 -2.93
N ALA B 263 23.61 -15.19 -4.16
CA ALA B 263 24.78 -14.53 -4.70
C ALA B 263 25.06 -13.23 -3.91
N ALA B 264 24.00 -12.47 -3.59
CA ALA B 264 24.24 -11.18 -2.99
C ALA B 264 24.69 -11.35 -1.54
N TRP B 265 24.10 -12.30 -0.88
CA TRP B 265 24.38 -12.52 0.53
C TRP B 265 25.79 -13.04 0.69
N SER B 266 26.17 -13.90 -0.23
CA SER B 266 27.52 -14.45 -0.25
C SER B 266 28.56 -13.37 -0.70
N ALA B 267 28.18 -12.46 -1.62
CA ALA B 267 29.10 -11.36 -1.98
C ALA B 267 29.32 -10.34 -0.80
N MSE B 268 28.34 -10.24 0.09
CA MSE B 268 28.34 -9.22 1.11
C MSE B 268 29.58 -9.16 1.98
O MSE B 268 30.20 -8.10 2.08
CB MSE B 268 27.07 -9.40 1.92
CG MSE B 268 26.98 -8.47 3.11
SE MSE B 268 25.16 -8.74 3.93
CE MSE B 268 25.47 -10.43 4.92
N PRO B 269 29.96 -10.29 2.64
CA PRO B 269 31.20 -10.24 3.38
C PRO B 269 32.45 -10.11 2.51
N ASP B 270 32.38 -10.42 1.20
CA ASP B 270 33.55 -10.35 0.30
C ASP B 270 33.74 -8.93 -0.23
N SER B 271 32.69 -8.15 -0.26
CA SER B 271 32.83 -6.74 -0.54
C SER B 271 33.54 -6.07 0.65
N PRO B 272 34.27 -5.00 0.39
CA PRO B 272 35.01 -4.30 1.43
C PRO B 272 34.12 -3.40 2.29
N ASP B 273 32.90 -3.11 1.83
CA ASP B 273 32.10 -2.13 2.52
C ASP B 273 31.66 -2.64 3.90
N MSE B 274 31.37 -3.91 4.06
CA MSE B 274 30.91 -4.37 5.37
C MSE B 274 31.95 -4.11 6.44
O MSE B 274 31.64 -3.55 7.50
CB MSE B 274 30.54 -5.84 5.29
CG MSE B 274 30.13 -6.36 6.65
SE MSE B 274 29.51 -8.26 6.45
CE MSE B 274 28.87 -8.63 8.30
N GLY B 275 33.21 -4.52 6.19
CA GLY B 275 34.32 -4.28 7.17
C GLY B 275 34.49 -2.79 7.46
N ILE B 276 34.38 -1.96 6.45
CA ILE B 276 34.59 -0.53 6.60
C ILE B 276 33.45 0.02 7.41
N GLY B 277 32.23 -0.43 7.12
CA GLY B 277 31.05 0.06 7.87
C GLY B 277 31.05 -0.37 9.32
N ILE B 278 31.42 -1.62 9.59
CA ILE B 278 31.52 -2.06 10.98
C ILE B 278 32.52 -1.25 11.76
N SER B 279 33.68 -1.05 11.18
CA SER B 279 34.72 -0.45 11.97
C SER B 279 34.52 1.07 12.11
N ALA B 280 33.97 1.72 11.11
CA ALA B 280 33.59 3.10 11.27
C ALA B 280 32.58 3.28 12.41
N PHE B 281 31.56 2.46 12.41
CA PHE B 281 30.55 2.51 13.45
C PHE B 281 31.18 2.39 14.84
N LEU B 282 32.00 1.37 15.03
CA LEU B 282 32.60 1.13 16.31
C LEU B 282 33.50 2.27 16.71
N ASN B 283 34.10 2.97 15.76
CA ASN B 283 34.95 4.12 16.08
C ASN B 283 34.22 5.45 16.06
N ARG B 284 32.89 5.40 15.95
CA ARG B 284 32.07 6.61 15.91
C ARG B 284 32.52 7.57 14.83
N GLU B 285 32.68 7.07 13.64
CA GLU B 285 32.94 7.96 12.59
C GLU B 285 32.21 7.53 11.34
N GLN B 286 32.22 8.42 10.36
CA GLN B 286 31.50 8.21 9.14
C GLN B 286 32.35 7.31 8.25
N PRO B 287 31.75 6.30 7.64
CA PRO B 287 32.52 5.39 6.84
C PRO B 287 32.90 6.01 5.50
N ARG B 288 34.09 5.67 5.01
CA ARG B 288 34.55 6.02 3.63
C ARG B 288 34.50 4.74 2.77
N PHE B 289 33.37 4.49 2.13
CA PHE B 289 33.11 3.17 1.51
C PHE B 289 33.87 3.05 0.21
N MSE B 290 34.01 1.83 -0.30
CA MSE B 290 34.93 1.62 -1.44
C MSE B 290 34.39 0.82 -2.60
O MSE B 290 34.93 0.92 -3.65
CB MSE B 290 36.15 0.94 -0.92
CG MSE B 290 37.14 1.97 -0.45
SE MSE B 290 38.81 0.98 0.05
CE MSE B 290 38.82 -0.41 -1.36
N TRP B 291 33.38 0.00 -2.41
CA TRP B 291 32.96 -0.89 -3.48
C TRP B 291 32.43 -0.02 -4.62
N ARG B 292 32.69 -0.47 -5.84
CA ARG B 292 32.26 0.15 -7.07
C ARG B 292 31.72 -0.93 -7.96
N PRO B 293 30.71 -0.60 -8.79
CA PRO B 293 30.18 -1.58 -9.75
C PRO B 293 31.18 -1.90 -10.81
N ALA B 294 31.11 -3.12 -11.29
CA ALA B 294 32.17 -3.78 -12.09
C ALA B 294 31.91 -3.66 -13.58
N THR C 34 24.66 -10.45 29.85
CA THR C 34 23.93 -9.32 30.48
C THR C 34 22.77 -8.78 29.64
N GLY C 35 22.89 -8.63 28.31
CA GLY C 35 21.70 -8.41 27.45
C GLY C 35 20.82 -9.64 27.53
N ARG C 36 19.54 -9.45 27.64
CA ARG C 36 18.61 -10.58 27.81
C ARG C 36 17.15 -10.24 27.40
N ILE C 37 16.35 -11.27 27.19
CA ILE C 37 14.96 -11.14 26.89
C ILE C 37 14.26 -11.56 28.14
N SER C 38 13.40 -10.72 28.68
CA SER C 38 12.63 -11.08 29.86
C SER C 38 11.15 -11.12 29.52
N VAL C 39 10.36 -11.86 30.31
CA VAL C 39 8.94 -11.95 30.10
C VAL C 39 8.23 -11.90 31.43
N ALA C 40 7.09 -11.23 31.45
CA ALA C 40 6.20 -11.13 32.59
C ALA C 40 4.80 -11.42 32.07
N ILE C 41 4.07 -12.24 32.80
CA ILE C 41 2.76 -12.66 32.43
C ILE C 41 1.74 -12.23 33.48
N ALA C 42 0.71 -11.54 33.02
CA ALA C 42 -0.39 -11.16 33.87
C ALA C 42 -1.67 -10.99 33.04
N ASP C 43 -2.78 -11.52 33.54
CA ASP C 43 -4.10 -11.30 32.94
C ASP C 43 -4.11 -11.65 31.46
N GLY C 44 -3.42 -12.73 31.11
CA GLY C 44 -3.37 -13.22 29.77
C GLY C 44 -2.45 -12.46 28.84
N VAL C 45 -1.70 -11.51 29.36
CA VAL C 45 -0.78 -10.75 28.55
C VAL C 45 0.66 -11.10 28.90
N ALA C 46 1.41 -11.59 27.92
CA ALA C 46 2.84 -11.80 28.11
C ALA C 46 3.56 -10.56 27.65
N SER C 47 4.15 -9.80 28.57
CA SER C 47 5.00 -8.70 28.19
C SER C 47 6.42 -9.12 28.03
N VAL C 48 6.90 -9.08 26.81
CA VAL C 48 8.23 -9.47 26.47
C VAL C 48 9.04 -8.21 26.28
N GLU C 49 10.19 -8.19 26.89
CA GLU C 49 11.03 -7.04 26.93
C GLU C 49 12.44 -7.32 26.42
N ILE C 50 12.88 -6.48 25.49
CA ILE C 50 14.23 -6.53 24.99
C ILE C 50 15.06 -5.67 25.93
N SER C 51 15.91 -6.30 26.71
CA SER C 51 16.65 -5.60 27.75
C SER C 51 18.17 -5.70 27.55
N ASN C 52 18.74 -4.68 26.92
CA ASN C 52 20.21 -4.54 26.81
C ASN C 52 20.55 -3.08 26.73
N LEU C 53 20.25 -2.37 27.79
CA LEU C 53 20.27 -0.88 27.79
C LEU C 53 21.60 -0.26 27.53
N ALA C 54 22.68 -0.89 27.96
CA ALA C 54 24.00 -0.37 27.67
C ALA C 54 24.22 -0.24 26.15
N GLN C 55 23.62 -1.09 25.33
CA GLN C 55 23.76 -1.00 23.88
C GLN C 55 22.44 -0.53 23.25
N ARG C 56 21.64 0.23 23.99
CA ARG C 56 20.37 0.72 23.52
C ARG C 56 19.46 -0.38 23.01
N ASN C 57 19.46 -1.48 23.74
CA ASN C 57 18.66 -2.65 23.45
C ASN C 57 18.99 -3.32 22.14
N ALA C 58 20.25 -3.22 21.72
CA ALA C 58 20.74 -4.02 20.59
C ALA C 58 20.60 -5.51 20.88
N LEU C 59 20.40 -6.29 19.83
CA LEU C 59 20.25 -7.72 20.00
C LEU C 59 21.58 -8.44 19.83
N THR C 60 21.94 -9.23 20.83
CA THR C 60 23.05 -10.12 20.72
C THR C 60 22.58 -11.45 20.14
N LYS C 61 23.52 -12.28 19.79
CA LYS C 61 23.16 -13.61 19.36
C LYS C 61 22.37 -14.34 20.44
N ASP C 62 22.81 -14.30 21.68
CA ASP C 62 22.05 -14.97 22.75
C ASP C 62 20.62 -14.49 22.92
N MSE C 63 20.42 -13.20 22.78
CA MSE C 63 19.10 -12.62 22.83
C MSE C 63 18.27 -13.15 21.70
O MSE C 63 17.11 -13.44 21.91
CB MSE C 63 19.15 -11.11 22.79
CG MSE C 63 19.52 -10.58 24.15
SE MSE C 63 20.31 -8.77 23.91
CE MSE C 63 18.55 -7.81 24.08
N CYS C 64 18.84 -13.29 20.50
CA CYS C 64 18.09 -13.85 19.41
C CYS C 64 17.69 -15.29 19.68
N LEU C 65 18.58 -16.06 20.27
CA LEU C 65 18.29 -17.45 20.60
C LEU C 65 17.20 -17.57 21.65
N GLU C 66 17.21 -16.66 22.61
CA GLU C 66 16.15 -16.59 23.64
C GLU C 66 14.76 -16.28 23.05
N ILE C 67 14.68 -15.39 22.09
CA ILE C 67 13.38 -15.09 21.46
C ILE C 67 12.95 -16.35 20.73
N GLN C 68 13.90 -16.98 20.09
CA GLN C 68 13.65 -18.16 19.31
C GLN C 68 13.08 -19.29 20.17
N GLU C 69 13.61 -19.48 21.37
CA GLU C 69 13.09 -20.44 22.35
C GLU C 69 11.80 -19.97 23.04
N LEU C 70 11.69 -18.68 23.32
CA LEU C 70 10.57 -18.23 24.10
C LEU C 70 9.21 -18.26 23.35
N MSE C 71 9.21 -17.87 22.08
CA MSE C 71 7.95 -17.71 21.37
C MSE C 71 7.14 -18.97 21.36
O MSE C 71 5.96 -18.94 21.64
CB MSE C 71 8.12 -17.16 19.95
CG MSE C 71 8.78 -15.78 19.94
SE MSE C 71 7.75 -14.37 21.02
CE MSE C 71 9.12 -14.11 22.45
N PRO C 72 7.75 -20.13 21.05
CA PRO C 72 6.87 -21.31 21.04
C PRO C 72 6.40 -21.68 22.46
N GLN C 73 7.12 -21.28 23.50
CA GLN C 73 6.60 -21.56 24.86
C GLN C 73 5.39 -20.71 25.15
N LEU C 74 5.42 -19.47 24.68
CA LEU C 74 4.31 -18.59 24.89
C LEU C 74 3.11 -19.09 24.12
N ASP C 75 3.35 -19.61 22.93
CA ASP C 75 2.27 -20.11 22.11
C ASP C 75 1.60 -21.30 22.77
N ALA C 76 2.35 -22.15 23.47
CA ALA C 76 1.79 -23.32 24.10
C ALA C 76 1.23 -23.03 25.52
N ASP C 77 1.49 -21.86 26.08
CA ASP C 77 1.09 -21.58 27.44
C ASP C 77 -0.38 -21.13 27.52
N PRO C 78 -1.25 -21.93 28.17
CA PRO C 78 -2.67 -21.52 28.20
C PRO C 78 -2.92 -20.23 29.01
N ASP C 79 -1.96 -19.78 29.81
CA ASP C 79 -2.13 -18.53 30.52
C ASP C 79 -1.83 -17.29 29.67
N VAL C 80 -1.40 -17.49 28.44
CA VAL C 80 -1.06 -16.39 27.55
C VAL C 80 -2.10 -16.31 26.44
N ALA C 81 -2.75 -15.14 26.31
CA ALA C 81 -3.63 -14.87 25.19
C ALA C 81 -3.01 -13.89 24.19
N VAL C 82 -2.27 -12.90 24.68
CA VAL C 82 -1.75 -11.82 23.87
C VAL C 82 -0.30 -11.59 24.22
N VAL C 83 0.51 -11.27 23.24
CA VAL C 83 1.94 -10.99 23.48
C VAL C 83 2.18 -9.54 23.13
N VAL C 84 2.94 -8.84 23.97
CA VAL C 84 3.31 -7.49 23.75
C VAL C 84 4.81 -7.41 23.78
N LEU C 85 5.42 -6.83 22.76
CA LEU C 85 6.87 -6.76 22.66
C LEU C 85 7.29 -5.31 22.77
N ARG C 86 8.25 -5.04 23.64
CA ARG C 86 8.77 -3.71 23.78
C ARG C 86 10.17 -3.69 24.38
N GLY C 87 10.80 -2.54 24.29
CA GLY C 87 12.13 -2.40 24.81
C GLY C 87 12.19 -1.96 26.26
N ALA C 88 13.24 -2.37 26.96
CA ALA C 88 13.51 -1.90 28.35
C ALA C 88 13.80 -0.43 28.32
N GLY C 89 13.35 0.26 29.35
CA GLY C 89 13.50 1.68 29.40
C GLY C 89 12.69 2.32 28.32
N ASP C 90 13.24 3.35 27.71
CA ASP C 90 12.41 4.20 26.82
C ASP C 90 12.83 4.05 25.37
N THR C 91 13.37 2.89 25.03
CA THR C 91 13.91 2.69 23.69
C THR C 91 13.60 1.26 23.25
N PHE C 92 13.37 1.06 21.95
CA PHE C 92 12.90 -0.24 21.51
C PHE C 92 14.04 -1.23 21.23
N CYS C 93 14.81 -0.97 20.19
CA CYS C 93 15.86 -1.92 19.77
C CYS C 93 16.76 -1.26 18.75
N ALA C 94 18.06 -1.35 18.98
CA ALA C 94 19.01 -0.68 18.09
C ALA C 94 19.52 -1.63 17.00
N GLY C 95 18.92 -2.80 16.90
CA GLY C 95 19.22 -3.70 15.82
C GLY C 95 20.19 -4.74 16.29
N ALA C 96 20.76 -5.50 15.36
CA ALA C 96 21.78 -6.45 15.71
C ALA C 96 22.96 -5.66 16.30
N SER C 97 23.52 -6.18 17.40
CA SER C 97 24.69 -5.56 17.97
C SER C 97 25.88 -5.54 16.95
N ILE C 98 26.40 -4.35 16.64
CA ILE C 98 27.40 -4.20 15.58
C ILE C 98 28.69 -4.86 16.02
N SER C 99 28.99 -4.85 17.31
CA SER C 99 30.22 -5.47 17.75
C SER C 99 30.13 -6.98 17.64
N GLU C 100 28.96 -7.57 17.39
CA GLU C 100 28.95 -9.00 17.14
C GLU C 100 28.13 -9.33 15.89
N LEU C 101 28.23 -8.45 14.91
CA LEU C 101 27.32 -8.51 13.81
C LEU C 101 27.37 -9.85 13.06
N ALA C 102 28.56 -10.41 12.84
CA ALA C 102 28.69 -11.62 12.07
C ALA C 102 28.12 -12.79 12.82
N SER C 103 28.26 -12.78 14.14
CA SER C 103 27.66 -13.83 14.93
C SER C 103 26.14 -13.84 14.87
N VAL C 104 25.52 -12.69 14.67
CA VAL C 104 24.07 -12.61 14.61
C VAL C 104 23.58 -12.93 13.21
N LEU C 105 24.24 -12.42 12.17
CA LEU C 105 23.76 -12.58 10.78
C LEU C 105 24.42 -13.67 9.95
N LEU C 106 25.68 -13.97 10.25
CA LEU C 106 26.50 -14.91 9.47
C LEU C 106 27.14 -15.93 10.36
N ASP C 107 26.39 -16.55 11.26
CA ASP C 107 27.00 -17.39 12.26
C ASP C 107 27.39 -18.73 11.63
N PRO C 108 28.66 -19.03 11.59
CA PRO C 108 28.99 -20.29 10.90
C PRO C 108 28.49 -21.55 11.57
N GLN C 109 28.10 -22.50 10.74
CA GLN C 109 27.53 -23.76 11.21
C GLN C 109 28.40 -24.95 10.78
N PRO C 110 28.32 -26.08 11.52
CA PRO C 110 29.23 -27.21 11.22
C PRO C 110 29.08 -27.78 9.83
N ASP C 111 27.90 -27.71 9.24
CA ASP C 111 27.74 -28.18 7.87
C ASP C 111 28.23 -27.20 6.83
N GLY C 112 28.84 -26.08 7.24
CA GLY C 112 29.38 -25.13 6.25
C GLY C 112 28.45 -24.01 5.84
N SER C 113 27.19 -24.07 6.26
CA SER C 113 26.29 -22.94 6.03
C SER C 113 26.49 -21.88 7.12
N THR C 114 25.78 -20.77 6.99
CA THR C 114 25.67 -19.80 8.07
C THR C 114 24.22 -19.59 8.48
N ALA C 115 24.05 -19.14 9.72
CA ALA C 115 22.79 -18.85 10.24
C ALA C 115 22.62 -17.37 10.48
N ASP C 116 21.41 -16.92 10.20
CA ASP C 116 20.98 -15.58 10.56
C ASP C 116 20.05 -15.70 11.73
N HIS C 117 20.58 -15.47 12.93
CA HIS C 117 19.77 -15.62 14.13
C HIS C 117 18.71 -14.56 14.28
N LEU C 118 18.93 -13.38 13.71
CA LEU C 118 17.97 -12.34 13.80
C LEU C 118 16.71 -12.72 12.99
N SER C 119 16.91 -13.22 11.78
CA SER C 119 15.79 -13.76 11.02
C SER C 119 15.14 -14.98 11.68
N ARG C 120 15.89 -15.85 12.34
CA ARG C 120 15.21 -16.96 13.02
C ARG C 120 14.34 -16.47 14.15
N ALA C 121 14.77 -15.40 14.80
CA ALA C 121 14.00 -14.84 15.86
C ALA C 121 12.73 -14.23 15.30
N ASP C 122 12.89 -13.44 14.24
CA ASP C 122 11.78 -12.86 13.47
C ASP C 122 10.74 -13.93 13.18
N SER C 123 11.20 -14.99 12.57
CA SER C 123 10.32 -16.03 12.21
C SER C 123 9.63 -16.75 13.39
N ALA C 124 10.31 -16.85 14.53
CA ALA C 124 9.65 -17.39 15.74
C ALA C 124 8.51 -16.48 16.22
N ILE C 125 8.71 -15.17 16.14
CA ILE C 125 7.68 -14.23 16.49
C ILE C 125 6.54 -14.28 15.50
N ALA C 126 6.85 -14.37 14.21
CA ALA C 126 5.81 -14.38 13.17
C ALA C 126 5.06 -15.71 13.16
N ALA C 127 5.60 -16.76 13.73
CA ALA C 127 4.86 -18.01 13.80
C ALA C 127 3.91 -18.07 15.01
N LEU C 128 3.87 -17.10 15.90
CA LEU C 128 2.92 -17.13 16.98
C LEU C 128 1.50 -17.16 16.45
N SER C 129 0.66 -18.03 16.99
CA SER C 129 -0.72 -18.08 16.55
C SER C 129 -1.56 -17.04 17.34
N LYS C 130 -1.02 -16.58 18.46
CA LYS C 130 -1.68 -15.55 19.26
C LYS C 130 -1.39 -14.15 18.79
N PRO C 131 -2.29 -13.17 19.06
CA PRO C 131 -2.01 -11.78 18.66
C PRO C 131 -0.75 -11.23 19.36
N ALA C 132 0.08 -10.48 18.62
CA ALA C 132 1.32 -9.91 19.13
C ALA C 132 1.45 -8.50 18.60
N VAL C 133 1.70 -7.56 19.52
CA VAL C 133 1.83 -6.16 19.16
C VAL C 133 3.18 -5.62 19.66
N ALA C 134 3.87 -4.89 18.80
CA ALA C 134 5.05 -4.21 19.19
C ALA C 134 4.73 -2.77 19.60
N LEU C 135 5.21 -2.34 20.78
CA LEU C 135 5.07 -0.97 21.27
C LEU C 135 6.42 -0.34 21.21
N VAL C 136 6.61 0.58 20.28
CA VAL C 136 7.92 1.13 19.96
C VAL C 136 7.99 2.56 20.57
N ASP C 137 8.94 2.75 21.48
CA ASP C 137 9.35 4.08 21.95
C ASP C 137 10.86 4.30 21.66
N GLY C 138 11.32 5.52 21.70
CA GLY C 138 12.73 5.81 21.45
C GLY C 138 13.13 5.35 20.06
N ALA C 139 14.24 4.65 19.95
CA ALA C 139 14.84 4.32 18.69
C ALA C 139 14.53 2.87 18.32
N CYS C 140 14.17 2.68 17.06
CA CYS C 140 14.03 1.38 16.50
C CYS C 140 14.93 1.42 15.25
N MSE C 141 16.11 0.82 15.31
CA MSE C 141 17.10 0.94 14.27
C MSE C 141 17.53 -0.40 13.71
O MSE C 141 17.43 -1.43 14.36
CB MSE C 141 18.37 1.62 14.79
CG MSE C 141 18.13 2.89 15.58
SE MSE C 141 17.23 4.35 14.52
CE MSE C 141 18.82 4.85 13.45
N GLY C 142 18.00 -0.37 12.44
CA GLY C 142 18.41 -1.56 11.71
C GLY C 142 17.41 -2.70 11.78
N GLY C 143 17.86 -3.82 12.32
CA GLY C 143 17.00 -4.98 12.46
C GLY C 143 15.92 -4.83 13.50
N GLY C 144 15.94 -3.74 14.27
CA GLY C 144 14.86 -3.53 15.23
C GLY C 144 13.50 -3.56 14.48
N TRP C 145 13.42 -2.95 13.30
CA TRP C 145 12.17 -2.88 12.61
C TRP C 145 11.77 -4.26 12.17
N GLN C 146 12.75 -5.07 11.88
CA GLN C 146 12.46 -6.41 11.41
C GLN C 146 11.82 -7.22 12.55
N ILE C 147 12.30 -7.03 13.75
CA ILE C 147 11.72 -7.76 14.92
C ILE C 147 10.33 -7.20 15.23
N ALA C 148 10.22 -5.88 15.26
CA ALA C 148 8.94 -5.26 15.51
C ALA C 148 7.88 -5.68 14.50
N SER C 149 8.23 -5.70 13.23
CA SER C 149 7.29 -5.95 12.15
C SER C 149 6.95 -7.43 12.10
N ALA C 150 7.69 -8.29 12.81
CA ALA C 150 7.27 -9.69 12.91
C ALA C 150 6.01 -9.85 13.77
N CYS C 151 5.73 -8.88 14.63
CA CYS C 151 4.46 -8.87 15.34
C CYS C 151 3.35 -8.55 14.36
N ASP C 152 2.13 -8.60 14.83
CA ASP C 152 1.03 -8.34 13.94
C ASP C 152 1.00 -6.90 13.48
N PHE C 153 1.30 -5.96 14.38
CA PHE C 153 1.38 -4.58 13.99
C PHE C 153 2.18 -3.79 15.02
N ILE C 154 2.56 -2.57 14.68
CA ILE C 154 3.34 -1.71 15.54
C ILE C 154 2.59 -0.45 15.88
N ILE C 155 2.57 -0.14 17.17
CA ILE C 155 2.10 1.15 17.68
C ILE C 155 3.34 1.90 18.20
N ALA C 156 3.54 3.11 17.70
CA ALA C 156 4.68 3.91 18.06
C ALA C 156 4.33 5.13 18.87
N ASN C 157 5.22 5.47 19.81
CA ASN C 157 5.16 6.75 20.48
C ASN C 157 5.57 7.82 19.48
N GLU C 158 4.92 8.94 19.53
CA GLU C 158 5.21 10.04 18.66
C GLU C 158 6.67 10.48 18.66
N ARG C 159 7.35 10.36 19.79
CA ARG C 159 8.73 10.77 19.84
C ARG C 159 9.67 9.68 19.37
N ALA C 160 9.18 8.49 19.01
CA ALA C 160 10.07 7.43 18.53
C ALA C 160 10.66 7.77 17.18
N VAL C 161 11.82 7.17 16.90
CA VAL C 161 12.45 7.33 15.60
C VAL C 161 12.76 5.95 15.03
N ILE C 162 12.64 5.86 13.72
CA ILE C 162 12.81 4.62 13.02
C ILE C 162 13.74 4.85 11.85
N GLY C 163 14.79 4.05 11.78
CA GLY C 163 15.64 4.00 10.59
C GLY C 163 16.10 2.60 10.26
N LEU C 164 16.04 2.24 9.00
CA LEU C 164 16.60 0.95 8.57
C LEU C 164 17.94 1.25 7.85
N THR C 165 19.04 0.87 8.47
CA THR C 165 20.37 1.40 8.15
C THR C 165 21.41 0.40 7.57
N PRO C 166 21.00 -0.69 6.90
CA PRO C 166 22.05 -1.53 6.31
C PRO C 166 23.03 -0.78 5.35
N ALA C 167 22.52 0.21 4.63
CA ALA C 167 23.34 0.97 3.73
C ALA C 167 24.34 1.90 4.41
N LYS C 168 24.14 2.22 5.68
CA LYS C 168 25.17 2.91 6.45
C LYS C 168 26.31 2.01 6.97
N ILE C 169 26.15 0.70 6.86
CA ILE C 169 27.08 -0.29 7.38
C ILE C 169 27.69 -1.18 6.28
N GLY C 170 27.20 -1.13 5.04
CA GLY C 170 27.76 -1.97 4.00
C GLY C 170 27.18 -3.37 3.92
N ILE C 171 26.02 -3.59 4.55
CA ILE C 171 25.35 -4.91 4.51
C ILE C 171 24.06 -4.85 3.73
N ILE C 172 23.31 -5.93 3.77
CA ILE C 172 22.05 -6.06 3.08
C ILE C 172 21.01 -6.40 4.13
N TYR C 173 19.82 -5.82 4.02
CA TYR C 173 18.75 -6.18 4.99
C TYR C 173 18.40 -7.62 4.72
N PRO C 174 18.27 -8.45 5.76
CA PRO C 174 17.90 -9.86 5.54
C PRO C 174 16.62 -10.03 4.73
N ARG C 175 16.59 -11.08 3.95
CA ARG C 175 15.48 -11.32 3.11
C ARG C 175 14.08 -11.29 3.70
N PRO C 176 13.84 -11.94 4.85
CA PRO C 176 12.46 -11.83 5.35
C PRO C 176 12.09 -10.42 5.65
N GLY C 177 13.05 -9.64 6.12
CA GLY C 177 12.74 -8.27 6.48
C GLY C 177 12.55 -7.40 5.24
N LEU C 178 13.38 -7.65 4.25
CA LEU C 178 13.33 -6.87 3.03
C LEU C 178 12.03 -7.11 2.34
N GLU C 179 11.64 -8.37 2.26
CA GLU C 179 10.38 -8.70 1.60
C GLU C 179 9.21 -8.15 2.35
N ARG C 180 9.18 -8.32 3.66
CA ARG C 180 8.11 -7.80 4.43
C ARG C 180 8.03 -6.32 4.20
N LEU C 181 9.16 -5.62 4.24
CA LEU C 181 9.14 -4.19 3.96
C LEU C 181 8.49 -3.84 2.63
N VAL C 182 8.91 -4.53 1.58
CA VAL C 182 8.41 -4.24 0.27
C VAL C 182 6.89 -4.44 0.23
N ARG C 183 6.38 -5.47 0.90
CA ARG C 183 4.94 -5.74 0.93
C ARG C 183 4.16 -4.82 1.79
N LEU C 184 4.71 -4.29 2.85
CA LEU C 184 4.03 -3.32 3.62
C LEU C 184 4.06 -1.93 3.10
N VAL C 185 5.18 -1.45 2.54
CA VAL C 185 5.24 -0.08 2.13
C VAL C 185 5.31 0.15 0.66
N GLY C 186 5.40 -0.89 -0.14
CA GLY C 186 5.53 -0.73 -1.58
C GLY C 186 7.00 -0.52 -2.01
N HIS C 187 7.27 -0.71 -3.28
CA HIS C 187 8.65 -0.72 -3.83
C HIS C 187 9.33 0.62 -3.67
N ALA C 188 8.60 1.72 -3.88
CA ALA C 188 9.28 3.02 -3.93
C ALA C 188 9.65 3.47 -2.56
N ASN C 189 8.72 3.37 -1.63
CA ASN C 189 8.98 3.71 -0.24
C ASN C 189 10.05 2.79 0.36
N ALA C 190 10.04 1.51 0.00
CA ALA C 190 11.07 0.65 0.49
C ALA C 190 12.45 1.10 0.04
N LYS C 191 12.58 1.53 -1.20
CA LYS C 191 13.86 2.00 -1.64
C LYS C 191 14.25 3.32 -1.00
N TYR C 192 13.30 4.21 -0.80
CA TYR C 192 13.57 5.45 -0.13
C TYR C 192 14.13 5.14 1.24
N ILE C 193 13.51 4.20 1.90
CA ILE C 193 13.93 3.86 3.24
C ILE C 193 15.28 3.18 3.24
N LEU C 194 15.47 2.18 2.42
CA LEU C 194 16.71 1.41 2.46
C LEU C 194 17.92 2.08 1.80
N LEU C 195 17.73 2.74 0.68
CA LEU C 195 18.83 3.38 0.00
C LEU C 195 19.34 4.56 0.77
N THR C 196 18.48 5.37 1.40
CA THR C 196 19.01 6.51 2.17
C THR C 196 19.46 6.09 3.53
N GLY C 197 18.83 5.06 4.11
CA GLY C 197 19.12 4.72 5.51
C GLY C 197 18.79 5.89 6.47
N GLN C 198 17.92 6.77 6.06
CA GLN C 198 17.48 7.87 6.88
C GLN C 198 16.69 7.47 8.15
N THR C 199 16.80 8.30 9.17
CA THR C 199 16.04 8.19 10.39
C THR C 199 14.75 9.00 10.28
N PHE C 200 13.60 8.36 10.47
CA PHE C 200 12.32 9.03 10.31
C PHE C 200 11.68 9.17 11.69
N SER C 201 10.96 10.25 11.88
CA SER C 201 10.13 10.40 13.02
C SER C 201 8.96 9.40 12.92
N ALA C 202 8.30 9.21 14.01
CA ALA C 202 7.19 8.26 14.04
C ALA C 202 6.06 8.69 13.12
N PRO C 203 5.71 9.96 13.10
CA PRO C 203 4.68 10.32 12.12
C PRO C 203 5.12 10.07 10.66
N GLU C 204 6.37 10.32 10.32
CA GLU C 204 6.83 10.01 8.98
C GLU C 204 6.82 8.52 8.71
N ALA C 205 7.22 7.74 9.70
CA ALA C 205 7.21 6.33 9.54
C ALA C 205 5.81 5.84 9.26
N ARG C 206 4.88 6.42 9.93
CA ARG C 206 3.51 6.06 9.72
C ARG C 206 3.03 6.39 8.31
N ALA C 207 3.35 7.58 7.85
CA ALA C 207 2.99 8.01 6.50
C ALA C 207 3.56 7.04 5.50
N LEU C 208 4.78 6.51 5.73
CA LEU C 208 5.38 5.53 4.86
C LEU C 208 4.81 4.15 4.94
N GLY C 209 4.06 3.84 5.99
CA GLY C 209 3.52 2.49 6.19
C GLY C 209 4.30 1.59 7.17
N LEU C 210 5.34 2.09 7.79
CA LEU C 210 6.21 1.26 8.66
C LEU C 210 5.59 0.91 9.99
N VAL C 211 4.64 1.69 10.45
CA VAL C 211 3.95 1.43 11.69
C VAL C 211 2.48 1.72 11.45
N ALA C 212 1.63 1.03 12.19
CA ALA C 212 0.20 1.11 12.01
C ALA C 212 -0.45 2.33 12.70
N ASP C 213 0.07 2.78 13.84
CA ASP C 213 -0.45 3.99 14.49
C ASP C 213 0.58 4.63 15.36
N VAL C 214 0.32 5.90 15.65
CA VAL C 214 1.21 6.76 16.39
C VAL C 214 0.40 7.41 17.46
N VAL C 215 0.90 7.43 18.67
CA VAL C 215 0.21 8.01 19.78
C VAL C 215 1.08 9.09 20.41
N PRO C 216 0.51 10.28 20.67
CA PRO C 216 1.29 11.31 21.41
C PRO C 216 1.90 10.77 22.73
N SER C 217 3.02 11.34 23.08
CA SER C 217 3.84 10.87 24.14
C SER C 217 3.16 10.92 25.47
N GLU C 218 2.40 11.97 25.71
CA GLU C 218 1.71 12.09 26.98
C GLU C 218 0.68 10.96 27.22
N SER C 219 0.08 10.44 26.17
CA SER C 219 -0.94 9.46 26.37
C SER C 219 -0.56 8.06 25.81
N PHE C 220 0.70 7.87 25.47
CA PHE C 220 1.17 6.61 24.91
C PHE C 220 0.91 5.42 25.83
N GLU C 221 1.29 5.54 27.09
CA GLU C 221 1.17 4.40 27.99
C GLU C 221 -0.29 4.05 28.21
N GLU C 222 -1.12 5.05 28.48
CA GLU C 222 -2.51 4.81 28.73
C GLU C 222 -3.18 4.21 27.51
N LYS C 223 -2.92 4.76 26.35
CA LYS C 223 -3.53 4.24 25.14
C LYS C 223 -3.06 2.84 24.79
N CYS C 224 -1.79 2.54 25.06
CA CYS C 224 -1.31 1.19 24.79
C CYS C 224 -1.98 0.22 25.77
N ALA C 225 -2.11 0.59 27.02
CA ALA C 225 -2.78 -0.28 27.98
C ALA C 225 -4.24 -0.53 27.57
N ALA C 226 -4.94 0.49 27.13
CA ALA C 226 -6.33 0.30 26.67
C ALA C 226 -6.37 -0.56 25.38
N LEU C 227 -5.41 -0.37 24.49
CA LEU C 227 -5.35 -1.22 23.31
C LEU C 227 -5.25 -2.70 23.68
N VAL C 228 -4.41 -2.98 24.66
CA VAL C 228 -4.20 -4.32 25.13
C VAL C 228 -5.44 -4.89 25.80
N ARG C 229 -6.09 -4.11 26.62
CA ARG C 229 -7.41 -4.48 27.16
C ARG C 229 -8.44 -4.76 26.10
N SER C 230 -8.44 -3.99 25.04
CA SER C 230 -9.30 -4.32 23.89
C SER C 230 -9.02 -5.66 23.24
N LEU C 231 -7.76 -5.93 22.92
CA LEU C 231 -7.43 -7.21 22.36
C LEU C 231 -7.81 -8.33 23.29
N ARG C 232 -7.72 -8.10 24.60
CA ARG C 232 -8.08 -9.13 25.56
C ARG C 232 -9.60 -9.31 25.70
N SER C 233 -10.39 -8.43 25.14
CA SER C 233 -11.81 -8.58 25.26
C SER C 233 -12.49 -8.92 23.93
N ARG C 234 -11.74 -9.02 22.81
CA ARG C 234 -12.29 -9.50 21.55
C ARG C 234 -12.43 -11.00 21.52
N SER C 235 -13.22 -11.50 20.58
CA SER C 235 -13.32 -12.94 20.45
C SER C 235 -11.96 -13.55 20.07
N ARG C 236 -11.49 -14.50 20.86
CA ARG C 236 -10.24 -15.19 20.45
C ARG C 236 -10.44 -16.12 19.23
N PHE C 237 -11.62 -16.65 19.02
CA PHE C 237 -11.89 -17.42 17.83
C PHE C 237 -11.68 -16.54 16.58
N SER C 238 -12.25 -15.34 16.60
CA SER C 238 -12.09 -14.37 15.50
C SER C 238 -10.66 -13.98 15.28
N MSE C 239 -9.94 -13.67 16.34
CA MSE C 239 -8.55 -13.22 16.23
C MSE C 239 -7.63 -14.31 15.73
O MSE C 239 -6.84 -14.06 14.83
CB MSE C 239 -8.03 -12.69 17.55
CG MSE C 239 -8.65 -11.33 17.75
SE MSE C 239 -7.99 -10.39 19.40
CE MSE C 239 -8.22 -11.90 20.74
N HIS C 240 -7.72 -15.50 16.31
CA HIS C 240 -6.91 -16.65 15.91
CA HIS C 240 -6.85 -16.58 15.92
C HIS C 240 -7.15 -16.95 14.46
N SER C 241 -8.43 -17.05 14.07
CA SER C 241 -8.77 -17.36 12.67
C SER C 241 -8.26 -16.34 11.67
N MSE C 242 -8.49 -15.07 11.97
CA MSE C 242 -8.16 -14.00 11.02
C MSE C 242 -6.72 -13.72 10.93
O MSE C 242 -6.20 -13.46 9.85
CB MSE C 242 -8.93 -12.73 11.32
CG MSE C 242 -10.37 -13.00 10.88
SE MSE C 242 -11.47 -11.34 11.03
CE MSE C 242 -11.52 -11.02 13.01
N LYS C 243 -6.00 -13.81 12.04
CA LYS C 243 -4.56 -13.68 12.01
C LYS C 243 -3.95 -14.76 11.08
N ARG C 244 -4.38 -15.96 11.26
CA ARG C 244 -3.93 -17.05 10.40
C ARG C 244 -4.34 -16.88 8.90
N LEU C 245 -5.59 -16.46 8.62
CA LEU C 245 -6.03 -16.32 7.28
C LEU C 245 -5.35 -15.12 6.60
N VAL C 246 -5.18 -14.03 7.32
CA VAL C 246 -4.41 -12.95 6.77
C VAL C 246 -2.99 -13.44 6.44
N ASP C 247 -2.34 -14.14 7.36
CA ASP C 247 -0.96 -14.59 7.11
C ASP C 247 -0.88 -15.51 5.92
N LEU C 248 -1.93 -16.25 5.63
CA LEU C 248 -1.90 -17.14 4.44
C LEU C 248 -2.22 -16.42 3.13
N THR C 249 -2.74 -15.21 3.19
CA THR C 249 -3.21 -14.53 2.00
C THR C 249 -2.01 -14.16 1.15
N ASP C 250 -2.05 -14.63 -0.10
CA ASP C 250 -0.98 -14.57 -1.11
C ASP C 250 0.31 -15.38 -0.90
N SER C 251 0.27 -16.33 0.04
CA SER C 251 1.28 -17.39 0.17
C SER C 251 0.69 -18.66 -0.42
N ALA C 255 -6.21 -24.08 -2.62
CA ALA C 255 -6.29 -25.54 -2.37
C ALA C 255 -5.89 -25.77 -0.92
N GLY C 256 -4.63 -25.38 -0.61
CA GLY C 256 -4.11 -25.23 0.77
C GLY C 256 -4.83 -24.11 1.54
N ILE C 257 -4.93 -22.93 0.91
CA ILE C 257 -5.67 -21.85 1.50
C ILE C 257 -7.21 -22.09 1.48
N ASP C 258 -7.74 -22.74 0.45
CA ASP C 258 -9.14 -23.09 0.41
C ASP C 258 -9.59 -23.99 1.53
N GLN C 259 -8.77 -24.96 1.85
CA GLN C 259 -9.10 -25.86 2.95
C GLN C 259 -9.10 -25.16 4.31
N GLU C 260 -8.16 -24.28 4.51
CA GLU C 260 -8.15 -23.48 5.73
C GLU C 260 -9.37 -22.58 5.85
N TRP C 261 -9.79 -21.98 4.75
CA TRP C 261 -11.00 -21.17 4.80
C TRP C 261 -12.19 -22.01 5.11
N ALA C 262 -12.28 -23.19 4.48
CA ALA C 262 -13.46 -24.02 4.66
C ALA C 262 -13.56 -24.50 6.10
N ALA C 263 -12.42 -24.91 6.68
CA ALA C 263 -12.36 -25.33 8.06
C ALA C 263 -12.72 -24.18 9.03
N ALA C 264 -12.22 -22.98 8.81
CA ALA C 264 -12.48 -21.91 9.76
C ALA C 264 -13.96 -21.45 9.69
N TRP C 265 -14.48 -21.36 8.47
CA TRP C 265 -15.83 -20.88 8.21
C TRP C 265 -16.84 -21.87 8.81
N SER C 266 -16.53 -23.13 8.67
CA SER C 266 -17.33 -24.19 9.23
C SER C 266 -17.20 -24.26 10.75
N ALA C 267 -16.01 -23.98 11.30
CA ALA C 267 -15.87 -23.91 12.79
C ALA C 267 -16.61 -22.71 13.44
N MSE C 268 -16.81 -21.66 12.67
CA MSE C 268 -17.34 -20.39 13.19
C MSE C 268 -18.63 -20.51 13.91
O MSE C 268 -18.73 -20.05 15.08
CB MSE C 268 -17.40 -19.40 12.05
CG MSE C 268 -18.06 -18.08 12.42
SE MSE C 268 -17.94 -16.88 10.80
CE MSE C 268 -19.41 -17.64 9.70
N PRO C 269 -19.67 -21.09 13.26
CA PRO C 269 -20.93 -21.21 14.00
C PRO C 269 -20.85 -22.29 15.12
N ASP C 270 -19.89 -23.22 15.08
CA ASP C 270 -19.74 -24.26 16.14
C ASP C 270 -18.97 -23.74 17.37
N SER C 271 -18.20 -22.69 17.22
CA SER C 271 -17.62 -22.00 18.36
C SER C 271 -18.72 -21.22 19.08
N PRO C 272 -18.56 -21.04 20.39
CA PRO C 272 -19.55 -20.33 21.19
C PRO C 272 -19.55 -18.82 21.00
N ASP C 273 -18.46 -18.28 20.47
CA ASP C 273 -18.31 -16.87 20.46
C ASP C 273 -19.32 -16.18 19.60
N MSE C 274 -19.71 -16.78 18.48
CA MSE C 274 -20.63 -16.10 17.61
C MSE C 274 -21.96 -15.87 18.30
O MSE C 274 -22.50 -14.77 18.26
CB MSE C 274 -20.85 -16.91 16.33
CG MSE C 274 -21.90 -16.24 15.42
SE MSE C 274 -22.01 -17.29 13.72
CE MSE C 274 -23.29 -16.19 12.65
N GLY C 275 -22.53 -16.91 18.92
CA GLY C 275 -23.80 -16.76 19.68
C GLY C 275 -23.68 -15.72 20.83
N ILE C 276 -22.54 -15.69 21.52
CA ILE C 276 -22.33 -14.77 22.62
C ILE C 276 -22.23 -13.38 22.05
N GLY C 277 -21.57 -13.21 20.90
CA GLY C 277 -21.44 -11.90 20.31
C GLY C 277 -22.76 -11.33 19.80
N ILE C 278 -23.54 -12.17 19.14
CA ILE C 278 -24.82 -11.75 18.60
C ILE C 278 -25.71 -11.31 19.72
N SER C 279 -25.79 -12.12 20.78
CA SER C 279 -26.74 -11.82 21.79
C SER C 279 -26.29 -10.64 22.68
N ALA C 280 -25.00 -10.46 22.85
CA ALA C 280 -24.51 -9.30 23.57
C ALA C 280 -24.88 -8.03 22.83
N PHE C 281 -24.67 -8.03 21.51
CA PHE C 281 -24.99 -6.88 20.70
C PHE C 281 -26.46 -6.51 20.80
N LEU C 282 -27.34 -7.51 20.66
CA LEU C 282 -28.77 -7.26 20.72
C LEU C 282 -29.23 -6.83 22.10
N ASN C 283 -28.54 -7.26 23.15
CA ASN C 283 -28.87 -6.83 24.49
C ASN C 283 -28.10 -5.61 24.91
N ARG C 284 -27.40 -4.98 23.98
CA ARG C 284 -26.65 -3.74 24.25
C ARG C 284 -25.67 -3.93 25.40
N GLU C 285 -24.90 -4.98 25.36
CA GLU C 285 -23.87 -5.12 26.35
C GLU C 285 -22.59 -5.70 25.74
N GLN C 286 -21.53 -5.65 26.52
CA GLN C 286 -20.22 -6.05 26.06
C GLN C 286 -20.17 -7.57 26.17
N PRO C 287 -19.71 -8.26 25.13
CA PRO C 287 -19.65 -9.68 25.17
C PRO C 287 -18.55 -10.21 26.08
N ARG C 288 -18.85 -11.30 26.79
CA ARG C 288 -17.79 -12.07 27.52
C ARG C 288 -17.54 -13.39 26.79
N PHE C 289 -16.56 -13.38 25.93
CA PHE C 289 -16.31 -14.48 24.99
C PHE C 289 -15.65 -15.64 25.69
N MSE C 290 -15.66 -16.81 25.06
CA MSE C 290 -15.25 -18.03 25.75
C MSE C 290 -14.36 -18.97 25.02
O MSE C 290 -13.78 -19.82 25.65
CB MSE C 290 -16.52 -18.82 26.10
CG MSE C 290 -17.04 -18.32 27.42
SE MSE C 290 -18.73 -19.31 27.89
CE MSE C 290 -19.60 -18.07 29.22
N TRP C 291 -14.27 -18.87 23.70
CA TRP C 291 -13.47 -19.84 22.93
C TRP C 291 -12.03 -19.66 23.34
N ARG C 292 -11.32 -20.78 23.42
CA ARG C 292 -9.93 -20.85 23.77
C ARG C 292 -9.26 -21.80 22.80
N PRO C 293 -8.01 -21.52 22.42
CA PRO C 293 -7.31 -22.46 21.56
C PRO C 293 -7.03 -23.79 22.23
N ALA C 294 -6.97 -24.85 21.44
CA ALA C 294 -6.29 -26.11 21.87
C ALA C 294 -6.74 -26.55 23.30
AS CAC D . -21.18 -18.75 -1.63
O1 CAC D . -21.96 -17.99 -0.28
O2 CAC D . -21.45 -17.79 -3.05
C1 CAC D . -19.25 -18.77 -1.17
C2 CAC D . -21.78 -20.62 -1.90
AS CAC E . 7.02 -1.89 -26.96
O1 CAC E . 6.82 -0.16 -26.97
O2 CAC E . 8.68 -2.40 -26.75
C1 CAC E . 5.88 -2.71 -25.58
C2 CAC E . 6.58 -2.77 -28.68
AS CAC F . 18.80 -19.70 7.88
O1 CAC F . 17.79 -20.74 8.86
O2 CAC F . 19.28 -18.32 8.83
C1 CAC F . 20.41 -20.74 7.42
C2 CAC F . 17.87 -19.27 6.20
#